data_2G6Q
# 
_entry.id   2G6Q 
# 
_audit_conform.dict_name       mmcif_pdbx.dic 
_audit_conform.dict_version    5.377 
_audit_conform.dict_location   http://mmcif.pdb.org/dictionaries/ascii/mmcif_pdbx.dic 
# 
loop_
_database_2.database_id 
_database_2.database_code 
_database_2.pdbx_database_accession 
_database_2.pdbx_DOI 
PDB   2G6Q         pdb_00002g6q 10.2210/pdb2g6q/pdb 
RCSB  RCSB036757   ?            ?                   
WWPDB D_1000036757 ?            ?                   
# 
_pdbx_database_related.db_name        PDB 
_pdbx_database_related.db_id          1WES 
_pdbx_database_related.details        'Solution structure of ING1 PHD domain' 
_pdbx_database_related.content_type   unspecified 
# 
_pdbx_database_status.status_code                     REL 
_pdbx_database_status.entry_id                        2G6Q 
_pdbx_database_status.recvd_initial_deposition_date   2006-02-24 
_pdbx_database_status.deposit_site                    RCSB 
_pdbx_database_status.process_site                    RCSB 
_pdbx_database_status.status_code_sf                  REL 
_pdbx_database_status.status_code_mr                  ? 
_pdbx_database_status.SG_entry                        N 
_pdbx_database_status.status_code_cs                  ? 
_pdbx_database_status.methods_development_category    ? 
_pdbx_database_status.pdb_format_compatible           Y 
_pdbx_database_status.status_code_nmr_data            ? 
# 
loop_
_audit_author.name 
_audit_author.pdbx_ordinal 
'Pena, P.V.'        1 
'Zhao, R.'          2 
'Kutateladze, T.G.' 3 
# 
_citation.id                        primary 
_citation.title                     'Molecular mechanism of histone H3K4me3 recognition by plant homeodomain of ING2.' 
_citation.journal_abbrev            Nature 
_citation.journal_volume            442 
_citation.page_first                100 
_citation.page_last                 103 
_citation.year                      2006 
_citation.journal_id_ASTM           NATUAS 
_citation.country                   UK 
_citation.journal_id_ISSN           0028-0836 
_citation.journal_id_CSD            0006 
_citation.book_publisher            ? 
_citation.pdbx_database_id_PubMed   16728977 
_citation.pdbx_database_id_DOI      10.1038/nature04814 
# 
loop_
_citation_author.citation_id 
_citation_author.name 
_citation_author.ordinal 
_citation_author.identifier_ORCID 
primary 'Pena, P.V.'        1 ? 
primary 'Davrazou, F.'      2 ? 
primary 'Shi, X.'           3 ? 
primary 'Walter, K.L.'      4 ? 
primary 'Verkhusha, V.V.'   5 ? 
primary 'Gozani, O.'        6 ? 
primary 'Zhao, R.'          7 ? 
primary 'Kutateladze, T.G.' 8 ? 
# 
_cell.entry_id           2G6Q 
_cell.length_a           49.176 
_cell.length_b           49.176 
_cell.length_c           52.645 
_cell.angle_alpha        90.00 
_cell.angle_beta         90.00 
_cell.angle_gamma        120.00 
_cell.Z_PDB              6 
_cell.pdbx_unique_axis   ? 
_cell.length_a_esd       ? 
_cell.length_b_esd       ? 
_cell.length_c_esd       ? 
_cell.angle_alpha_esd    ? 
_cell.angle_beta_esd     ? 
_cell.angle_gamma_esd    ? 
# 
_symmetry.entry_id                         2G6Q 
_symmetry.space_group_name_H-M             'P 32 2 1' 
_symmetry.pdbx_full_space_group_name_H-M   ? 
_symmetry.cell_setting                     ? 
_symmetry.Int_Tables_number                154 
_symmetry.space_group_name_Hall            ? 
# 
loop_
_entity.id 
_entity.type 
_entity.src_method 
_entity.pdbx_description 
_entity.formula_weight 
_entity.pdbx_number_of_molecules 
_entity.pdbx_ec 
_entity.pdbx_mutation 
_entity.pdbx_fragment 
_entity.details 
1 polymer     man 'Inhibitor of growth protein 2' 7139.000 1  ? ? 'PHD domain (residues 204-263)' ? 
2 polymer     syn 'H3K4Me3 peptide'               1350.568 1  ? ? ?                               ? 
3 non-polymer syn 'ZINC ION'                      65.409   2  ? ? ?                               ? 
4 water       nat water                           18.015   32 ? ? ?                               ? 
# 
_entity_name_com.entity_id   1 
_entity_name_com.name        'p33ING2, Inhibitor of growth 1-like protein, ING1Lp, p32' 
# 
loop_
_entity_poly.entity_id 
_entity_poly.type 
_entity_poly.nstd_linkage 
_entity_poly.nstd_monomer 
_entity_poly.pdbx_seq_one_letter_code 
_entity_poly.pdbx_seq_one_letter_code_can 
_entity_poly.pdbx_strand_id 
_entity_poly.pdbx_target_identifier 
1 'polypeptide(L)' no no  GSEFAIDPNEPTYCLCNQVSYGEMIGCDNEQCPIEWFHFSCVSLTYKPKGKWYCPKCRGDNE 
GSEFAIDPNEPTYCLCNQVSYGEMIGCDNEQCPIEWFHFSCVSLTYKPKGKWYCPKCRGDNE A ? 
2 'polypeptide(L)' no yes 'ART(M3L)QTARKSTG'                                             ARTKQTARKSTG B ? 
# 
loop_
_entity_poly_seq.entity_id 
_entity_poly_seq.num 
_entity_poly_seq.mon_id 
_entity_poly_seq.hetero 
1 1  GLY n 
1 2  SER n 
1 3  GLU n 
1 4  PHE n 
1 5  ALA n 
1 6  ILE n 
1 7  ASP n 
1 8  PRO n 
1 9  ASN n 
1 10 GLU n 
1 11 PRO n 
1 12 THR n 
1 13 TYR n 
1 14 CYS n 
1 15 LEU n 
1 16 CYS n 
1 17 ASN n 
1 18 GLN n 
1 19 VAL n 
1 20 SER n 
1 21 TYR n 
1 22 GLY n 
1 23 GLU n 
1 24 MET n 
1 25 ILE n 
1 26 GLY n 
1 27 CYS n 
1 28 ASP n 
1 29 ASN n 
1 30 GLU n 
1 31 GLN n 
1 32 CYS n 
1 33 PRO n 
1 34 ILE n 
1 35 GLU n 
1 36 TRP n 
1 37 PHE n 
1 38 HIS n 
1 39 PHE n 
1 40 SER n 
1 41 CYS n 
1 42 VAL n 
1 43 SER n 
1 44 LEU n 
1 45 THR n 
1 46 TYR n 
1 47 LYS n 
1 48 PRO n 
1 49 LYS n 
1 50 GLY n 
1 51 LYS n 
1 52 TRP n 
1 53 TYR n 
1 54 CYS n 
1 55 PRO n 
1 56 LYS n 
1 57 CYS n 
1 58 ARG n 
1 59 GLY n 
1 60 ASP n 
1 61 ASN n 
1 62 GLU n 
2 1  ALA n 
2 2  ARG n 
2 3  THR n 
2 4  M3L n 
2 5  GLN n 
2 6  THR n 
2 7  ALA n 
2 8  ARG n 
2 9  LYS n 
2 10 SER n 
2 11 THR n 
2 12 GLY n 
# 
_entity_src_gen.entity_id                          1 
_entity_src_gen.pdbx_src_id                        1 
_entity_src_gen.pdbx_alt_source_flag               sample 
_entity_src_gen.pdbx_seq_type                      ? 
_entity_src_gen.pdbx_beg_seq_num                   ? 
_entity_src_gen.pdbx_end_seq_num                   ? 
_entity_src_gen.gene_src_common_name               'house mouse' 
_entity_src_gen.gene_src_genus                     Mus 
_entity_src_gen.pdbx_gene_src_gene                 'ING2, ING1L' 
_entity_src_gen.gene_src_species                   ? 
_entity_src_gen.gene_src_strain                    ? 
_entity_src_gen.gene_src_tissue                    ? 
_entity_src_gen.gene_src_tissue_fraction           ? 
_entity_src_gen.gene_src_details                   ? 
_entity_src_gen.pdbx_gene_src_fragment             ? 
_entity_src_gen.pdbx_gene_src_scientific_name      'Mus musculus' 
_entity_src_gen.pdbx_gene_src_ncbi_taxonomy_id     10090 
_entity_src_gen.pdbx_gene_src_variant              ? 
_entity_src_gen.pdbx_gene_src_cell_line            ? 
_entity_src_gen.pdbx_gene_src_atcc                 ? 
_entity_src_gen.pdbx_gene_src_organ                ? 
_entity_src_gen.pdbx_gene_src_organelle            ? 
_entity_src_gen.pdbx_gene_src_cell                 ? 
_entity_src_gen.pdbx_gene_src_cellular_location    ? 
_entity_src_gen.host_org_common_name               ? 
_entity_src_gen.pdbx_host_org_scientific_name      'Escherichia coli' 
_entity_src_gen.pdbx_host_org_ncbi_taxonomy_id     562 
_entity_src_gen.host_org_genus                     Escherichia 
_entity_src_gen.pdbx_host_org_gene                 ? 
_entity_src_gen.pdbx_host_org_organ                ? 
_entity_src_gen.host_org_species                   ? 
_entity_src_gen.pdbx_host_org_tissue               ? 
_entity_src_gen.pdbx_host_org_tissue_fraction      ? 
_entity_src_gen.pdbx_host_org_strain               'BL21(DE3)pLysS' 
_entity_src_gen.pdbx_host_org_variant              ? 
_entity_src_gen.pdbx_host_org_cell_line            ? 
_entity_src_gen.pdbx_host_org_atcc                 ? 
_entity_src_gen.pdbx_host_org_culture_collection   ? 
_entity_src_gen.pdbx_host_org_cell                 ? 
_entity_src_gen.pdbx_host_org_organelle            ? 
_entity_src_gen.pdbx_host_org_cellular_location    ? 
_entity_src_gen.pdbx_host_org_vector_type          plasmid 
_entity_src_gen.pdbx_host_org_vector               ? 
_entity_src_gen.host_org_details                   ? 
_entity_src_gen.expression_system_id               ? 
_entity_src_gen.plasmid_name                       pGEX-2T 
_entity_src_gen.plasmid_details                    ? 
_entity_src_gen.pdbx_description                   ? 
# 
_pdbx_entity_src_syn.entity_id              2 
_pdbx_entity_src_syn.pdbx_src_id            1 
_pdbx_entity_src_syn.pdbx_alt_source_flag   sample 
_pdbx_entity_src_syn.pdbx_beg_seq_num       ? 
_pdbx_entity_src_syn.pdbx_end_seq_num       ? 
_pdbx_entity_src_syn.organism_scientific    ? 
_pdbx_entity_src_syn.organism_common_name   ? 
_pdbx_entity_src_syn.ncbi_taxonomy_id       ? 
_pdbx_entity_src_syn.details                'H3K4Me3 is chemically synthesized' 
# 
loop_
_struct_ref.id 
_struct_ref.db_name 
_struct_ref.db_code 
_struct_ref.pdbx_db_accession 
_struct_ref.entity_id 
_struct_ref.pdbx_align_begin 
_struct_ref.pdbx_seq_one_letter_code 
_struct_ref.pdbx_db_isoform 
1 UNP ING2_MOUSE Q9ESK4 1 205 ? ? 
2 PDB 2G6Q       2G6Q   2 ?   ? ? 
# 
loop_
_struct_ref_seq.align_id 
_struct_ref_seq.ref_id 
_struct_ref_seq.pdbx_PDB_id_code 
_struct_ref_seq.pdbx_strand_id 
_struct_ref_seq.seq_align_beg 
_struct_ref_seq.pdbx_seq_align_beg_ins_code 
_struct_ref_seq.seq_align_end 
_struct_ref_seq.pdbx_seq_align_end_ins_code 
_struct_ref_seq.pdbx_db_accession 
_struct_ref_seq.db_align_beg 
_struct_ref_seq.pdbx_db_align_beg_ins_code 
_struct_ref_seq.db_align_end 
_struct_ref_seq.pdbx_db_align_end_ins_code 
_struct_ref_seq.pdbx_auth_seq_align_beg 
_struct_ref_seq.pdbx_auth_seq_align_end 
1 1 2G6Q A 3 ? 62 ? Q9ESK4 205 ? 264 ? 205 264 
2 2 2G6Q B 1 ? 12 ? 2G6Q   1   ? 12  ? 1   12  
# 
loop_
_struct_ref_seq_dif.align_id 
_struct_ref_seq_dif.pdbx_pdb_id_code 
_struct_ref_seq_dif.mon_id 
_struct_ref_seq_dif.pdbx_pdb_strand_id 
_struct_ref_seq_dif.seq_num 
_struct_ref_seq_dif.pdbx_pdb_ins_code 
_struct_ref_seq_dif.pdbx_seq_db_name 
_struct_ref_seq_dif.pdbx_seq_db_accession_code 
_struct_ref_seq_dif.db_mon_id 
_struct_ref_seq_dif.pdbx_seq_db_seq_num 
_struct_ref_seq_dif.details 
_struct_ref_seq_dif.pdbx_auth_seq_num 
_struct_ref_seq_dif.pdbx_ordinal 
1 2G6Q GLY A 1 ? UNP Q9ESK4 ? ? 'cloning artifact' 203 1 
1 2G6Q SER A 2 ? UNP Q9ESK4 ? ? 'cloning artifact' 204 2 
# 
loop_
_chem_comp.id 
_chem_comp.type 
_chem_comp.mon_nstd_flag 
_chem_comp.name 
_chem_comp.pdbx_synonyms 
_chem_comp.formula 
_chem_comp.formula_weight 
ALA 'L-peptide linking' y ALANINE           ? 'C3 H7 N O2'     89.093  
ARG 'L-peptide linking' y ARGININE          ? 'C6 H15 N4 O2 1' 175.209 
ASN 'L-peptide linking' y ASPARAGINE        ? 'C4 H8 N2 O3'    132.118 
ASP 'L-peptide linking' y 'ASPARTIC ACID'   ? 'C4 H7 N O4'     133.103 
CYS 'L-peptide linking' y CYSTEINE          ? 'C3 H7 N O2 S'   121.158 
GLN 'L-peptide linking' y GLUTAMINE         ? 'C5 H10 N2 O3'   146.144 
GLU 'L-peptide linking' y 'GLUTAMIC ACID'   ? 'C5 H9 N O4'     147.129 
GLY 'peptide linking'   y GLYCINE           ? 'C2 H5 N O2'     75.067  
HIS 'L-peptide linking' y HISTIDINE         ? 'C6 H10 N3 O2 1' 156.162 
HOH non-polymer         . WATER             ? 'H2 O'           18.015  
ILE 'L-peptide linking' y ISOLEUCINE        ? 'C6 H13 N O2'    131.173 
LEU 'L-peptide linking' y LEUCINE           ? 'C6 H13 N O2'    131.173 
LYS 'L-peptide linking' y LYSINE            ? 'C6 H15 N2 O2 1' 147.195 
M3L 'L-peptide linking' n N-TRIMETHYLLYSINE ? 'C9 H21 N2 O2 1' 189.275 
MET 'L-peptide linking' y METHIONINE        ? 'C5 H11 N O2 S'  149.211 
PHE 'L-peptide linking' y PHENYLALANINE     ? 'C9 H11 N O2'    165.189 
PRO 'L-peptide linking' y PROLINE           ? 'C5 H9 N O2'     115.130 
SER 'L-peptide linking' y SERINE            ? 'C3 H7 N O3'     105.093 
THR 'L-peptide linking' y THREONINE         ? 'C4 H9 N O3'     119.119 
TRP 'L-peptide linking' y TRYPTOPHAN        ? 'C11 H12 N2 O2'  204.225 
TYR 'L-peptide linking' y TYROSINE          ? 'C9 H11 N O3'    181.189 
VAL 'L-peptide linking' y VALINE            ? 'C5 H11 N O2'    117.146 
ZN  non-polymer         . 'ZINC ION'        ? 'Zn 2'           65.409  
# 
_exptl.entry_id          2G6Q 
_exptl.method            'X-RAY DIFFRACTION' 
_exptl.crystals_number   1 
# 
_exptl_crystal.id                    1 
_exptl_crystal.density_meas          ? 
_exptl_crystal.density_Matthews      2.20 
_exptl_crystal.density_percent_sol   44.10 
_exptl_crystal.description           ? 
_exptl_crystal.F_000                 ? 
_exptl_crystal.preparation           ? 
# 
_exptl_crystal_grow.crystal_id      1 
_exptl_crystal_grow.method          'VAPOR DIFFUSION, HANGING DROP' 
_exptl_crystal_grow.temp            298 
_exptl_crystal_grow.temp_details    ? 
_exptl_crystal_grow.pH              8.0 
_exptl_crystal_grow.pdbx_details    
'0.1M Tris-HCl, 22% PEGMME2K, 0.01M NiCl2(6H2O), pH 8.0, VAPOR DIFFUSION, HANGING DROP, temperature 298K' 
_exptl_crystal_grow.pdbx_pH_range   . 
# 
_diffrn.id                     1 
_diffrn.ambient_temp           93 
_diffrn.ambient_temp_details   ? 
_diffrn.crystal_id             1 
# 
_diffrn_detector.diffrn_id              1 
_diffrn_detector.detector               'IMAGE PLATE' 
_diffrn_detector.type                   'RIGAKU RAXIS IV' 
_diffrn_detector.pdbx_collection_date   2006-02-16 
_diffrn_detector.details                ? 
# 
_diffrn_radiation.diffrn_id                        1 
_diffrn_radiation.wavelength_id                    1 
_diffrn_radiation.pdbx_monochromatic_or_laue_m_l   M 
_diffrn_radiation.monochromator                    ? 
_diffrn_radiation.pdbx_diffrn_protocol             'SINGLE WAVELENGTH' 
_diffrn_radiation.pdbx_scattering_type             x-ray 
# 
_diffrn_radiation_wavelength.id           1 
_diffrn_radiation_wavelength.wavelength   1.5418 
_diffrn_radiation_wavelength.wt           1.0 
# 
_diffrn_source.diffrn_id                   1 
_diffrn_source.source                      'ROTATING ANODE' 
_diffrn_source.type                        RIGAKU 
_diffrn_source.pdbx_synchrotron_site       ? 
_diffrn_source.pdbx_synchrotron_beamline   ? 
_diffrn_source.pdbx_wavelength             1.5418 
_diffrn_source.pdbx_wavelength_list        ? 
# 
_reflns.entry_id                     2G6Q 
_reflns.observed_criterion_sigma_I   ? 
_reflns.observed_criterion_sigma_F   ? 
_reflns.d_resolution_low             50 
_reflns.d_resolution_high            2.0 
_reflns.number_obs                   5116 
_reflns.number_all                   ? 
_reflns.percent_possible_obs         97 
_reflns.pdbx_Rmerge_I_obs            0.039 
_reflns.pdbx_Rsym_value              ? 
_reflns.pdbx_netI_over_sigmaI        51 
_reflns.B_iso_Wilson_estimate        28.5 
_reflns.pdbx_redundancy              4.4 
_reflns.R_free_details               ? 
_reflns.limit_h_max                  ? 
_reflns.limit_h_min                  ? 
_reflns.limit_k_max                  ? 
_reflns.limit_k_min                  ? 
_reflns.limit_l_max                  ? 
_reflns.limit_l_min                  ? 
_reflns.observed_criterion_F_max     ? 
_reflns.observed_criterion_F_min     ? 
_reflns.pdbx_chi_squared             ? 
_reflns.pdbx_scaling_rejects         ? 
_reflns.pdbx_ordinal                 1 
_reflns.pdbx_diffrn_id               1 
# 
_reflns_shell.d_res_high             2.00 
_reflns_shell.d_res_low              2.07 
_reflns_shell.percent_possible_all   79.6 
_reflns_shell.Rmerge_I_obs           0.094 
_reflns_shell.pdbx_Rsym_value        ? 
_reflns_shell.meanI_over_sigI_obs    18.5 
_reflns_shell.pdbx_redundancy        4.3 
_reflns_shell.percent_possible_obs   ? 
_reflns_shell.number_unique_all      407 
_reflns_shell.number_measured_all    ? 
_reflns_shell.number_measured_obs    ? 
_reflns_shell.number_unique_obs      ? 
_reflns_shell.pdbx_chi_squared       ? 
_reflns_shell.pdbx_ordinal           1 
_reflns_shell.pdbx_diffrn_id         1 
# 
_refine.entry_id                                 2G6Q 
_refine.ls_number_reflns_obs                     5074 
_refine.ls_number_reflns_all                     5243 
_refine.pdbx_ls_sigma_I                          ? 
_refine.pdbx_ls_sigma_F                          0 
_refine.pdbx_data_cutoff_high_absF               ? 
_refine.pdbx_data_cutoff_low_absF                ? 
_refine.pdbx_data_cutoff_high_rms_absF           ? 
_refine.ls_d_res_low                             30 
_refine.ls_d_res_high                            2.0 
_refine.ls_percent_reflns_obs                    ? 
_refine.ls_R_factor_obs                          ? 
_refine.ls_R_factor_all                          ? 
_refine.ls_R_factor_R_work                       0.2233 
_refine.ls_R_factor_R_free                       0.2313 
_refine.ls_R_factor_R_free_error                 ? 
_refine.ls_R_factor_R_free_error_details         ? 
_refine.ls_percent_reflns_R_free                 ? 
_refine.ls_number_reflns_R_free                  527 
_refine.ls_number_parameters                     ? 
_refine.ls_number_restraints                     ? 
_refine.occupancy_min                            ? 
_refine.occupancy_max                            ? 
_refine.correlation_coeff_Fo_to_Fc               ? 
_refine.correlation_coeff_Fo_to_Fc_free          ? 
_refine.B_iso_mean                               ? 
_refine.aniso_B[1][1]                            ? 
_refine.aniso_B[2][2]                            ? 
_refine.aniso_B[3][3]                            ? 
_refine.aniso_B[1][2]                            ? 
_refine.aniso_B[1][3]                            ? 
_refine.aniso_B[2][3]                            ? 
_refine.solvent_model_details                    ? 
_refine.solvent_model_param_ksol                 ? 
_refine.solvent_model_param_bsol                 ? 
_refine.pdbx_solvent_vdw_probe_radii             ? 
_refine.pdbx_solvent_ion_probe_radii             ? 
_refine.pdbx_solvent_shrinkage_radii             ? 
_refine.pdbx_ls_cross_valid_method               ? 
_refine.details                                  ? 
_refine.pdbx_starting_model                      'pdb entry 1WES' 
_refine.pdbx_method_to_determine_struct          'MOLECULAR REPLACEMENT' 
_refine.pdbx_isotropic_thermal_model             ? 
_refine.pdbx_stereochemistry_target_values       'Engh & Huber' 
_refine.pdbx_stereochem_target_val_spec_case     ? 
_refine.pdbx_R_Free_selection_details            random 
_refine.pdbx_overall_ESU_R                       ? 
_refine.pdbx_overall_ESU_R_Free                  ? 
_refine.overall_SU_ML                            ? 
_refine.overall_SU_B                             ? 
_refine.ls_redundancy_reflns_obs                 ? 
_refine.B_iso_min                                ? 
_refine.B_iso_max                                ? 
_refine.overall_SU_R_Cruickshank_DPI             ? 
_refine.overall_SU_R_free                        ? 
_refine.ls_wR_factor_R_free                      ? 
_refine.ls_wR_factor_R_work                      ? 
_refine.overall_FOM_free_R_set                   ? 
_refine.overall_FOM_work_R_set                   ? 
_refine.pdbx_refine_id                           'X-RAY DIFFRACTION' 
_refine.pdbx_overall_phase_error                 ? 
_refine.pdbx_diffrn_id                           1 
_refine.pdbx_TLS_residual_ADP_flag               ? 
_refine.pdbx_overall_SU_R_free_Cruickshank_DPI   ? 
_refine.pdbx_overall_SU_R_Blow_DPI               ? 
_refine.pdbx_overall_SU_R_free_Blow_DPI          ? 
# 
_refine_hist.pdbx_refine_id                   'X-RAY DIFFRACTION' 
_refine_hist.cycle_id                         LAST 
_refine_hist.pdbx_number_atoms_protein        488 
_refine_hist.pdbx_number_atoms_nucleic_acid   0 
_refine_hist.pdbx_number_atoms_ligand         2 
_refine_hist.number_atoms_solvent             32 
_refine_hist.number_atoms_total               522 
_refine_hist.d_res_high                       2.0 
_refine_hist.d_res_low                        30 
# 
loop_
_refine_ls_restr.type 
_refine_ls_restr.dev_ideal 
_refine_ls_restr.dev_ideal_target 
_refine_ls_restr.weight 
_refine_ls_restr.number 
_refine_ls_restr.pdbx_refine_id 
_refine_ls_restr.pdbx_restraint_function 
c_bond_d    0.006 ? ? ? 'X-RAY DIFFRACTION' ? 
c_angle_deg 1.080 ? ? ? 'X-RAY DIFFRACTION' ? 
# 
_refine_ls_shell.pdbx_total_number_of_bins_used   ? 
_refine_ls_shell.d_res_high                       2.00 
_refine_ls_shell.d_res_low                        2.07 
_refine_ls_shell.number_reflns_R_work             ? 
_refine_ls_shell.R_factor_R_work                  0.2345 
_refine_ls_shell.percent_reflns_obs               ? 
_refine_ls_shell.R_factor_R_free                  0.2388 
_refine_ls_shell.R_factor_R_free_error            ? 
_refine_ls_shell.percent_reflns_R_free            ? 
_refine_ls_shell.number_reflns_R_free             55 
_refine_ls_shell.number_reflns_all                ? 
_refine_ls_shell.R_factor_all                     ? 
_refine_ls_shell.number_reflns_obs                348 
_refine_ls_shell.redundancy_reflns_obs            ? 
_refine_ls_shell.pdbx_refine_id                   'X-RAY DIFFRACTION' 
# 
_struct.entry_id                  2G6Q 
_struct.title                     'Crystal structure of ING2 PHD finger in complex with H3K4Me3 peptide' 
_struct.pdbx_model_details        ? 
_struct.pdbx_CASP_flag            ? 
_struct.pdbx_model_type_details   ? 
# 
_struct_keywords.entry_id        2G6Q 
_struct_keywords.pdbx_keywords   'GENE REGULATION, APOPTOSIS' 
_struct_keywords.text            'protein-peptide complex, PHD finger, GENE REGULATION, APOPTOSIS' 
# 
loop_
_struct_asym.id 
_struct_asym.pdbx_blank_PDB_chainid_flag 
_struct_asym.pdbx_modified 
_struct_asym.entity_id 
_struct_asym.details 
A N N 1 ? 
B N N 2 ? 
C N N 3 ? 
D N N 3 ? 
E N N 4 ? 
F N N 4 ? 
# 
_struct_biol.id   1 
# 
loop_
_struct_conf.conf_type_id 
_struct_conf.id 
_struct_conf.pdbx_PDB_helix_id 
_struct_conf.beg_label_comp_id 
_struct_conf.beg_label_asym_id 
_struct_conf.beg_label_seq_id 
_struct_conf.pdbx_beg_PDB_ins_code 
_struct_conf.end_label_comp_id 
_struct_conf.end_label_asym_id 
_struct_conf.end_label_seq_id 
_struct_conf.pdbx_end_PDB_ins_code 
_struct_conf.beg_auth_comp_id 
_struct_conf.beg_auth_asym_id 
_struct_conf.beg_auth_seq_id 
_struct_conf.end_auth_comp_id 
_struct_conf.end_auth_asym_id 
_struct_conf.end_auth_seq_id 
_struct_conf.pdbx_PDB_helix_class 
_struct_conf.details 
_struct_conf.pdbx_PDB_helix_length 
HELX_P HELX_P1 1 SER A 40 ? SER A 43 ? SER A 242 SER A 245 5 ? 4 
HELX_P HELX_P2 2 CYS A 54 ? GLY A 59 ? CYS A 256 GLY A 261 1 ? 6 
# 
_struct_conf_type.id          HELX_P 
_struct_conf_type.criteria    ? 
_struct_conf_type.reference   ? 
# 
loop_
_struct_conn.id 
_struct_conn.conn_type_id 
_struct_conn.pdbx_leaving_atom_flag 
_struct_conn.pdbx_PDB_id 
_struct_conn.ptnr1_label_asym_id 
_struct_conn.ptnr1_label_comp_id 
_struct_conn.ptnr1_label_seq_id 
_struct_conn.ptnr1_label_atom_id 
_struct_conn.pdbx_ptnr1_label_alt_id 
_struct_conn.pdbx_ptnr1_PDB_ins_code 
_struct_conn.pdbx_ptnr1_standard_comp_id 
_struct_conn.ptnr1_symmetry 
_struct_conn.ptnr2_label_asym_id 
_struct_conn.ptnr2_label_comp_id 
_struct_conn.ptnr2_label_seq_id 
_struct_conn.ptnr2_label_atom_id 
_struct_conn.pdbx_ptnr2_label_alt_id 
_struct_conn.pdbx_ptnr2_PDB_ins_code 
_struct_conn.ptnr1_auth_asym_id 
_struct_conn.ptnr1_auth_comp_id 
_struct_conn.ptnr1_auth_seq_id 
_struct_conn.ptnr2_auth_asym_id 
_struct_conn.ptnr2_auth_comp_id 
_struct_conn.ptnr2_auth_seq_id 
_struct_conn.ptnr2_symmetry 
_struct_conn.pdbx_ptnr3_label_atom_id 
_struct_conn.pdbx_ptnr3_label_seq_id 
_struct_conn.pdbx_ptnr3_label_comp_id 
_struct_conn.pdbx_ptnr3_label_asym_id 
_struct_conn.pdbx_ptnr3_label_alt_id 
_struct_conn.pdbx_ptnr3_PDB_ins_code 
_struct_conn.details 
_struct_conn.pdbx_dist_value 
_struct_conn.pdbx_value_order 
_struct_conn.pdbx_role 
covale1 covale both ? B THR 3  C   ? ? ? 1_555 B M3L 4 N  ? ? B THR 3   B M3L 4   1_555 ? ? ? ? ? ? ? 1.326 ? ? 
covale2 covale both ? B M3L 4  C   ? ? ? 1_555 B GLN 5 N  ? ? B M3L 4   B GLN 5   1_555 ? ? ? ? ? ? ? 1.324 ? ? 
metalc1 metalc ?    ? A CYS 14 SG  ? ? ? 1_555 C ZN  . ZN ? ? A CYS 216 A ZN  300 1_555 ? ? ? ? ? ? ? 2.482 ? ? 
metalc2 metalc ?    ? A CYS 16 SG  ? ? ? 1_555 C ZN  . ZN ? ? A CYS 218 A ZN  300 1_555 ? ? ? ? ? ? ? 2.410 ? ? 
metalc3 metalc ?    ? A CYS 27 SG  ? ? ? 1_555 D ZN  . ZN ? ? A CYS 229 A ZN  400 1_555 ? ? ? ? ? ? ? 2.337 ? ? 
metalc4 metalc ?    ? A CYS 32 SG  ? ? ? 1_555 D ZN  . ZN ? ? A CYS 234 A ZN  400 1_555 ? ? ? ? ? ? ? 2.388 ? ? 
metalc5 metalc ?    ? A HIS 38 ND1 ? ? ? 1_555 C ZN  . ZN ? ? A HIS 240 A ZN  300 1_555 ? ? ? ? ? ? ? 2.240 ? ? 
metalc6 metalc ?    ? A CYS 41 SG  ? ? ? 1_555 C ZN  . ZN ? ? A CYS 243 A ZN  300 1_555 ? ? ? ? ? ? ? 2.328 ? ? 
metalc7 metalc ?    ? A CYS 54 SG  ? ? ? 1_555 D ZN  . ZN ? ? A CYS 256 A ZN  400 1_555 ? ? ? ? ? ? ? 2.373 ? ? 
metalc8 metalc ?    ? A CYS 57 SG  ? ? ? 1_555 D ZN  . ZN ? ? A CYS 259 A ZN  400 1_555 ? ? ? ? ? ? ? 2.422 ? ? 
# 
loop_
_struct_conn_type.id 
_struct_conn_type.criteria 
_struct_conn_type.reference 
covale ? ? 
metalc ? ? 
# 
loop_
_struct_sheet.id 
_struct_sheet.type 
_struct_sheet.number_strands 
_struct_sheet.details 
A ? 2 ? 
B ? 3 ? 
# 
loop_
_struct_sheet_order.sheet_id 
_struct_sheet_order.range_id_1 
_struct_sheet_order.range_id_2 
_struct_sheet_order.offset 
_struct_sheet_order.sense 
A 1 2 ? anti-parallel 
B 1 2 ? anti-parallel 
B 2 3 ? anti-parallel 
# 
loop_
_struct_sheet_range.sheet_id 
_struct_sheet_range.id 
_struct_sheet_range.beg_label_comp_id 
_struct_sheet_range.beg_label_asym_id 
_struct_sheet_range.beg_label_seq_id 
_struct_sheet_range.pdbx_beg_PDB_ins_code 
_struct_sheet_range.end_label_comp_id 
_struct_sheet_range.end_label_asym_id 
_struct_sheet_range.end_label_seq_id 
_struct_sheet_range.pdbx_end_PDB_ins_code 
_struct_sheet_range.beg_auth_comp_id 
_struct_sheet_range.beg_auth_asym_id 
_struct_sheet_range.beg_auth_seq_id 
_struct_sheet_range.end_auth_comp_id 
_struct_sheet_range.end_auth_asym_id 
_struct_sheet_range.end_auth_seq_id 
A 1 THR A 12 ? TYR A 13 ? THR A 214 TYR A 215 
A 2 GLN A 18 ? VAL A 19 ? GLN A 220 VAL A 221 
B 1 TRP A 36 ? HIS A 38 ? TRP A 238 HIS A 240 
B 2 GLU A 23 ? GLY A 26 ? GLU A 225 GLY A 228 
B 3 ARG B 2  ? GLN B 5  ? ARG B 2   GLN B 5   
# 
loop_
_pdbx_struct_sheet_hbond.sheet_id 
_pdbx_struct_sheet_hbond.range_id_1 
_pdbx_struct_sheet_hbond.range_id_2 
_pdbx_struct_sheet_hbond.range_1_label_atom_id 
_pdbx_struct_sheet_hbond.range_1_label_comp_id 
_pdbx_struct_sheet_hbond.range_1_label_asym_id 
_pdbx_struct_sheet_hbond.range_1_label_seq_id 
_pdbx_struct_sheet_hbond.range_1_PDB_ins_code 
_pdbx_struct_sheet_hbond.range_1_auth_atom_id 
_pdbx_struct_sheet_hbond.range_1_auth_comp_id 
_pdbx_struct_sheet_hbond.range_1_auth_asym_id 
_pdbx_struct_sheet_hbond.range_1_auth_seq_id 
_pdbx_struct_sheet_hbond.range_2_label_atom_id 
_pdbx_struct_sheet_hbond.range_2_label_comp_id 
_pdbx_struct_sheet_hbond.range_2_label_asym_id 
_pdbx_struct_sheet_hbond.range_2_label_seq_id 
_pdbx_struct_sheet_hbond.range_2_PDB_ins_code 
_pdbx_struct_sheet_hbond.range_2_auth_atom_id 
_pdbx_struct_sheet_hbond.range_2_auth_comp_id 
_pdbx_struct_sheet_hbond.range_2_auth_asym_id 
_pdbx_struct_sheet_hbond.range_2_auth_seq_id 
A 1 2 N TYR A 13 ? N TYR A 215 O GLN A 18 ? O GLN A 220 
B 1 2 O PHE A 37 ? O PHE A 239 N ILE A 25 ? N ILE A 227 
B 2 3 N GLY A 26 ? N GLY A 228 O ARG B 2  ? O ARG B 2   
# 
loop_
_struct_site.id 
_struct_site.pdbx_evidence_code 
_struct_site.pdbx_auth_asym_id 
_struct_site.pdbx_auth_comp_id 
_struct_site.pdbx_auth_seq_id 
_struct_site.pdbx_auth_ins_code 
_struct_site.pdbx_num_residues 
_struct_site.details 
AC1 Software A ZN 300 ? 4 'BINDING SITE FOR RESIDUE ZN A 300' 
AC2 Software A ZN 400 ? 4 'BINDING SITE FOR RESIDUE ZN A 400' 
# 
loop_
_struct_site_gen.id 
_struct_site_gen.site_id 
_struct_site_gen.pdbx_num_res 
_struct_site_gen.label_comp_id 
_struct_site_gen.label_asym_id 
_struct_site_gen.label_seq_id 
_struct_site_gen.pdbx_auth_ins_code 
_struct_site_gen.auth_comp_id 
_struct_site_gen.auth_asym_id 
_struct_site_gen.auth_seq_id 
_struct_site_gen.label_atom_id 
_struct_site_gen.label_alt_id 
_struct_site_gen.symmetry 
_struct_site_gen.details 
1 AC1 4 CYS A 14 ? CYS A 216 . ? 1_555 ? 
2 AC1 4 CYS A 16 ? CYS A 218 . ? 1_555 ? 
3 AC1 4 HIS A 38 ? HIS A 240 . ? 1_555 ? 
4 AC1 4 CYS A 41 ? CYS A 243 . ? 1_555 ? 
5 AC2 4 CYS A 27 ? CYS A 229 . ? 1_555 ? 
6 AC2 4 CYS A 32 ? CYS A 234 . ? 1_555 ? 
7 AC2 4 CYS A 54 ? CYS A 256 . ? 1_555 ? 
8 AC2 4 CYS A 57 ? CYS A 259 . ? 1_555 ? 
# 
_atom_sites.entry_id                    2G6Q 
_atom_sites.fract_transf_matrix[1][1]   0.00667799 
_atom_sites.fract_transf_matrix[1][2]   0.00765450 
_atom_sites.fract_transf_matrix[1][3]   -0.02116962 
_atom_sites.fract_transf_matrix[2][1]   -0.01198495 
_atom_sites.fract_transf_matrix[2][2]   -0.00644925 
_atom_sites.fract_transf_matrix[2][3]   -0.01913441 
_atom_sites.fract_transf_matrix[3][1]   -0.01125780 
_atom_sites.fract_transf_matrix[3][2]   0.01517640 
_atom_sites.fract_transf_matrix[3][3]   0.00193618 
_atom_sites.fract_transf_vector[1]      0.487905 
_atom_sites.fract_transf_vector[2]      0.899353 
_atom_sites.fract_transf_vector[3]      0.323965 
# 
loop_
_atom_type.symbol 
C  
N  
O  
S  
ZN 
# 
loop_
_atom_site.group_PDB 
_atom_site.id 
_atom_site.type_symbol 
_atom_site.label_atom_id 
_atom_site.label_alt_id 
_atom_site.label_comp_id 
_atom_site.label_asym_id 
_atom_site.label_entity_id 
_atom_site.label_seq_id 
_atom_site.pdbx_PDB_ins_code 
_atom_site.Cartn_x 
_atom_site.Cartn_y 
_atom_site.Cartn_z 
_atom_site.occupancy 
_atom_site.B_iso_or_equiv 
_atom_site.pdbx_formal_charge 
_atom_site.auth_seq_id 
_atom_site.auth_comp_id 
_atom_site.auth_asym_id 
_atom_site.auth_atom_id 
_atom_site.pdbx_PDB_model_num 
ATOM   1   N  N   . GLU A 1 10 ? 14.959  1.634   -7.419  1.00 41.90 ? 212 GLU A N   1 
ATOM   2   C  CA  . GLU A 1 10 ? 14.520  1.987   -8.800  1.00 42.16 ? 212 GLU A CA  1 
ATOM   3   C  C   . GLU A 1 10 ? 12.997  1.851   -8.953  1.00 38.58 ? 212 GLU A C   1 
ATOM   4   O  O   . GLU A 1 10 ? 12.339  2.774   -9.418  1.00 36.91 ? 212 GLU A O   1 
ATOM   5   C  CB  . GLU A 1 10 ? 15.241  1.103   -9.828  1.00 45.46 ? 212 GLU A CB  1 
ATOM   6   C  CG  . GLU A 1 10 ? 14.945  1.435   -11.293 1.00 53.38 ? 212 GLU A CG  1 
ATOM   7   C  CD  . GLU A 1 10 ? 15.485  2.794   -11.727 1.00 58.04 ? 212 GLU A CD  1 
ATOM   8   O  OE1 . GLU A 1 10 ? 16.695  3.040   -11.550 1.00 59.16 ? 212 GLU A OE1 1 
ATOM   9   O  OE2 . GLU A 1 10 ? 14.703  3.617   -12.252 1.00 60.22 ? 212 GLU A OE2 1 
ATOM   10  N  N   . PRO A 1 11 ? 12.420  0.699   -8.559  1.00 35.06 ? 213 PRO A N   1 
ATOM   11  C  CA  . PRO A 1 11 ? 10.968  0.501   -8.677  1.00 33.10 ? 213 PRO A CA  1 
ATOM   12  C  C   . PRO A 1 11 ? 10.193  1.473   -7.783  1.00 32.00 ? 213 PRO A C   1 
ATOM   13  O  O   . PRO A 1 11 ? 10.584  1.717   -6.644  1.00 31.64 ? 213 PRO A O   1 
ATOM   14  C  CB  . PRO A 1 11 ? 10.776  -0.947  -8.228  1.00 32.34 ? 213 PRO A CB  1 
ATOM   15  C  CG  . PRO A 1 11 ? 12.084  -1.587  -8.548  1.00 33.25 ? 213 PRO A CG  1 
ATOM   16  C  CD  . PRO A 1 11 ? 13.073  -0.541  -8.110  1.00 34.23 ? 213 PRO A CD  1 
ATOM   17  N  N   . THR A 1 12 ? 9.097   2.018   -8.302  1.00 31.21 ? 214 THR A N   1 
ATOM   18  C  CA  . THR A 1 12 ? 8.271   2.956   -7.546  1.00 30.17 ? 214 THR A CA  1 
ATOM   19  C  C   . THR A 1 12 ? 6.906   2.317   -7.304  1.00 29.93 ? 214 THR A C   1 
ATOM   20  O  O   . THR A 1 12 ? 6.474   1.446   -8.056  1.00 30.49 ? 214 THR A O   1 
ATOM   21  C  CB  . THR A 1 12 ? 8.077   4.273   -8.310  1.00 30.91 ? 214 THR A CB  1 
ATOM   22  O  OG1 . THR A 1 12 ? 7.498   4.003   -9.594  1.00 30.48 ? 214 THR A OG1 1 
ATOM   23  C  CG2 . THR A 1 12 ? 9.415   4.979   -8.490  1.00 31.32 ? 214 THR A CG2 1 
ATOM   24  N  N   . TYR A 1 13 ? 6.229   2.760   -6.250  1.00 28.32 ? 215 TYR A N   1 
ATOM   25  C  CA  . TYR A 1 13 ? 4.924   2.213   -5.906  1.00 27.00 ? 215 TYR A CA  1 
ATOM   26  C  C   . TYR A 1 13 ? 4.021   3.330   -5.389  1.00 26.44 ? 215 TYR A C   1 
ATOM   27  O  O   . TYR A 1 13 ? 4.348   4.517   -5.486  1.00 26.80 ? 215 TYR A O   1 
ATOM   28  C  CB  . TYR A 1 13 ? 5.076   1.154   -4.806  1.00 27.09 ? 215 TYR A CB  1 
ATOM   29  C  CG  . TYR A 1 13 ? 6.096   0.076   -5.102  1.00 27.48 ? 215 TYR A CG  1 
ATOM   30  C  CD1 . TYR A 1 13 ? 7.447   0.253   -4.791  1.00 26.21 ? 215 TYR A CD1 1 
ATOM   31  C  CD2 . TYR A 1 13 ? 5.713   -1.120  -5.709  1.00 25.41 ? 215 TYR A CD2 1 
ATOM   32  C  CE1 . TYR A 1 13 ? 8.387   -0.738  -5.079  1.00 26.70 ? 215 TYR A CE1 1 
ATOM   33  C  CE2 . TYR A 1 13 ? 6.643   -2.111  -6.001  1.00 26.63 ? 215 TYR A CE2 1 
ATOM   34  C  CZ  . TYR A 1 13 ? 7.974   -1.917  -5.686  1.00 25.91 ? 215 TYR A CZ  1 
ATOM   35  O  OH  . TYR A 1 13 ? 8.883   -2.910  -5.978  1.00 28.50 ? 215 TYR A OH  1 
ATOM   36  N  N   . CYS A 1 14 ? 2.869   2.920   -4.866  1.00 24.25 ? 216 CYS A N   1 
ATOM   37  C  CA  . CYS A 1 14 ? 1.895   3.820   -4.246  1.00 25.31 ? 216 CYS A CA  1 
ATOM   38  C  C   . CYS A 1 14 ? 1.307   4.845   -5.231  1.00 26.11 ? 216 CYS A C   1 
ATOM   39  O  O   . CYS A 1 14 ? 1.535   4.784   -6.438  1.00 27.34 ? 216 CYS A O   1 
ATOM   40  C  CB  . CYS A 1 14 ? 2.566   4.535   -3.074  1.00 22.40 ? 216 CYS A CB  1 
ATOM   41  S  SG  . CYS A 1 14 ? 1.439   5.236   -1.889  1.00 20.38 ? 216 CYS A SG  1 
ATOM   42  N  N   . LEU A 1 15 ? 0.540   5.782   -4.682  1.00 27.76 ? 217 LEU A N   1 
ATOM   43  C  CA  . LEU A 1 15 ? -0.109  6.839   -5.466  1.00 29.93 ? 217 LEU A CA  1 
ATOM   44  C  C   . LEU A 1 15 ? 0.907   7.947   -5.744  1.00 29.93 ? 217 LEU A C   1 
ATOM   45  O  O   . LEU A 1 15 ? 0.784   8.681   -6.722  1.00 31.48 ? 217 LEU A O   1 
ATOM   46  C  CB  . LEU A 1 15 ? -1.263  7.463   -4.682  1.00 30.74 ? 217 LEU A CB  1 
ATOM   47  C  CG  . LEU A 1 15 ? -2.136  6.585   -3.792  1.00 33.41 ? 217 LEU A CG  1 
ATOM   48  C  CD1 . LEU A 1 15 ? -2.198  7.199   -2.405  1.00 35.20 ? 217 LEU A CD1 1 
ATOM   49  C  CD2 . LEU A 1 15 ? -3.519  6.454   -4.383  1.00 35.67 ? 217 LEU A CD2 1 
ATOM   50  N  N   . CYS A 1 16 ? 1.899   8.067   -4.868  1.00 29.56 ? 218 CYS A N   1 
ATOM   51  C  CA  . CYS A 1 16 ? 2.922   9.110   -4.986  1.00 29.71 ? 218 CYS A CA  1 
ATOM   52  C  C   . CYS A 1 16 ? 3.969   8.716   -6.021  1.00 32.03 ? 218 CYS A C   1 
ATOM   53  O  O   . CYS A 1 16 ? 4.739   9.559   -6.482  1.00 32.99 ? 218 CYS A O   1 
ATOM   54  C  CB  . CYS A 1 16 ? 3.602   9.313   -3.637  1.00 28.39 ? 218 CYS A CB  1 
ATOM   55  S  SG  . CYS A 1 16 ? 4.458   7.831   -3.088  1.00 23.80 ? 218 CYS A SG  1 
ATOM   56  N  N   . ASN A 1 17 ? 4.005   7.437   -6.372  1.00 34.02 ? 219 ASN A N   1 
ATOM   57  C  CA  . ASN A 1 17 ? 4.965   6.924   -7.349  1.00 34.82 ? 219 ASN A CA  1 
ATOM   58  C  C   . ASN A 1 17 ? 6.395   7.165   -6.876  1.00 33.10 ? 219 ASN A C   1 
ATOM   59  O  O   . ASN A 1 17 ? 7.246   7.609   -7.644  1.00 30.43 ? 219 ASN A O   1 
ATOM   60  C  CB  . ASN A 1 17 ? 4.745   7.571   -8.716  1.00 41.18 ? 219 ASN A CB  1 
ATOM   61  C  CG  . ASN A 1 17 ? 3.876   6.723   -9.615  1.00 50.24 ? 219 ASN A CG  1 
ATOM   62  O  OD1 . ASN A 1 17 ? 4.282   5.638   -10.040 1.00 55.29 ? 219 ASN A OD1 1 
ATOM   63  N  ND2 . ASN A 1 17 ? 2.669   7.199   -9.901  1.00 55.32 ? 219 ASN A ND2 1 
ATOM   64  N  N   . GLN A 1 18 ? 6.650   6.867   -5.607  1.00 29.50 ? 220 GLN A N   1 
ATOM   65  C  CA  . GLN A 1 18 ? 7.984   7.021   -5.033  1.00 26.15 ? 220 GLN A CA  1 
ATOM   66  C  C   . GLN A 1 18 ? 8.515   5.615   -4.733  1.00 24.74 ? 220 GLN A C   1 
ATOM   67  O  O   . GLN A 1 18 ? 7.758   4.640   -4.738  1.00 21.34 ? 220 GLN A O   1 
ATOM   68  C  CB  . GLN A 1 18 ? 7.930   7.849   -3.743  1.00 26.40 ? 220 GLN A CB  1 
ATOM   69  C  CG  . GLN A 1 18 ? 7.508   9.301   -3.931  1.00 30.56 ? 220 GLN A CG  1 
ATOM   70  C  CD  . GLN A 1 18 ? 8.393   10.056  -4.913  1.00 32.96 ? 220 GLN A CD  1 
ATOM   71  O  OE1 . GLN A 1 18 ? 9.615   10.065  -4.788  1.00 33.57 ? 220 GLN A OE1 1 
ATOM   72  N  NE2 . GLN A 1 18 ? 7.769   10.701  -5.892  1.00 34.61 ? 220 GLN A NE2 1 
ATOM   73  N  N   . VAL A 1 19 ? 9.815   5.507   -4.480  1.00 23.61 ? 221 VAL A N   1 
ATOM   74  C  CA  . VAL A 1 19 ? 10.411  4.210   -4.191  1.00 22.74 ? 221 VAL A CA  1 
ATOM   75  C  C   . VAL A 1 19 ? 9.866   3.694   -2.859  1.00 21.88 ? 221 VAL A C   1 
ATOM   76  O  O   . VAL A 1 19 ? 9.202   4.418   -2.113  1.00 18.89 ? 221 VAL A O   1 
ATOM   77  C  CB  . VAL A 1 19 ? 11.953  4.290   -4.114  1.00 23.56 ? 221 VAL A CB  1 
ATOM   78  C  CG1 . VAL A 1 19 ? 12.516  4.690   -5.467  1.00 25.62 ? 221 VAL A CG1 1 
ATOM   79  C  CG2 . VAL A 1 19 ? 12.371  5.279   -3.043  1.00 25.38 ? 221 VAL A CG2 1 
ATOM   80  N  N   . SER A 1 20 ? 10.156  2.433   -2.573  1.00 20.48 ? 222 SER A N   1 
ATOM   81  C  CA  . SER A 1 20 ? 9.694   1.809   -1.348  1.00 21.94 ? 222 SER A CA  1 
ATOM   82  C  C   . SER A 1 20 ? 10.456  2.405   -0.155  1.00 20.70 ? 222 SER A C   1 
ATOM   83  O  O   . SER A 1 20 ? 11.657  2.638   -0.232  1.00 19.84 ? 222 SER A O   1 
ATOM   84  C  CB  . SER A 1 20 ? 9.932   0.300   -1.427  1.00 22.85 ? 222 SER A CB  1 
ATOM   85  O  OG  . SER A 1 20 ? 9.441   -0.355  -0.275  1.00 27.84 ? 222 SER A OG  1 
ATOM   86  N  N   . TYR A 1 21 ? 9.738   2.667   0.935   1.00 20.34 ? 223 TYR A N   1 
ATOM   87  C  CA  . TYR A 1 21 ? 10.349  3.197   2.160   1.00 18.78 ? 223 TYR A CA  1 
ATOM   88  C  C   . TYR A 1 21 ? 9.391   2.937   3.321   1.00 18.82 ? 223 TYR A C   1 
ATOM   89  O  O   . TYR A 1 21 ? 8.173   2.906   3.135   1.00 16.87 ? 223 TYR A O   1 
ATOM   90  C  CB  . TYR A 1 21 ? 10.665  4.699   2.025   1.00 19.14 ? 223 TYR A CB  1 
ATOM   91  C  CG  . TYR A 1 21 ? 9.475   5.636   1.896   1.00 18.58 ? 223 TYR A CG  1 
ATOM   92  C  CD1 . TYR A 1 21 ? 8.653   5.916   2.991   1.00 19.10 ? 223 TYR A CD1 1 
ATOM   93  C  CD2 . TYR A 1 21 ? 9.190   6.265   0.681   1.00 18.56 ? 223 TYR A CD2 1 
ATOM   94  C  CE1 . TYR A 1 21 ? 7.576   6.800   2.879   1.00 19.86 ? 223 TYR A CE1 1 
ATOM   95  C  CE2 . TYR A 1 21 ? 8.118   7.153   0.559   1.00 19.37 ? 223 TYR A CE2 1 
ATOM   96  C  CZ  . TYR A 1 21 ? 7.316   7.414   1.660   1.00 21.09 ? 223 TYR A CZ  1 
ATOM   97  O  OH  . TYR A 1 21 ? 6.250   8.278   1.541   1.00 20.92 ? 223 TYR A OH  1 
ATOM   98  N  N   . GLY A 1 22 ? 9.947   2.723   4.510   1.00 19.37 ? 224 GLY A N   1 
ATOM   99  C  CA  . GLY A 1 22 ? 9.129   2.463   5.685   1.00 19.78 ? 224 GLY A CA  1 
ATOM   100 C  C   . GLY A 1 22 ? 8.250   1.236   5.525   1.00 21.63 ? 224 GLY A C   1 
ATOM   101 O  O   . GLY A 1 22 ? 8.600   0.302   4.793   1.00 21.21 ? 224 GLY A O   1 
ATOM   102 N  N   . GLU A 1 23 ? 7.107   1.234   6.209   1.00 21.09 ? 225 GLU A N   1 
ATOM   103 C  CA  . GLU A 1 23 ? 6.168   0.113   6.128   1.00 22.04 ? 225 GLU A CA  1 
ATOM   104 C  C   . GLU A 1 23 ? 5.208   0.382   4.976   1.00 21.86 ? 225 GLU A C   1 
ATOM   105 O  O   . GLU A 1 23 ? 4.723   1.499   4.805   1.00 18.55 ? 225 GLU A O   1 
ATOM   106 C  CB  . GLU A 1 23 ? 5.344   -0.018  7.404   1.00 24.11 ? 225 GLU A CB  1 
ATOM   107 C  CG  . GLU A 1 23 ? 6.120   0.049   8.696   1.00 30.11 ? 225 GLU A CG  1 
ATOM   108 C  CD  . GLU A 1 23 ? 5.255   -0.323  9.886   1.00 31.76 ? 225 GLU A CD  1 
ATOM   109 O  OE1 . GLU A 1 23 ? 4.888   -1.513  9.997   1.00 33.83 ? 225 GLU A OE1 1 
ATOM   110 O  OE2 . GLU A 1 23 ? 4.933   0.571   10.696  1.00 31.95 ? 225 GLU A OE2 1 
ATOM   111 N  N   . MET A 1 24 ? 4.928   -0.653  4.197   1.00 20.62 ? 226 MET A N   1 
ATOM   112 C  CA  . MET A 1 24 ? 4.016   -0.519  3.075   1.00 19.86 ? 226 MET A CA  1 
ATOM   113 C  C   . MET A 1 24 ? 2.966   -1.610  3.180   1.00 18.87 ? 226 MET A C   1 
ATOM   114 O  O   . MET A 1 24 ? 3.219   -2.675  3.732   1.00 18.85 ? 226 MET A O   1 
ATOM   115 C  CB  . MET A 1 24 ? 4.772   -0.586  1.767   1.00 23.34 ? 226 MET A CB  1 
ATOM   116 C  CG  . MET A 1 24 ? 5.710   0.589   1.566   1.00 27.85 ? 226 MET A CG  1 
ATOM   117 S  SD  . MET A 1 24 ? 6.510   0.570   -0.062  1.00 34.55 ? 226 MET A SD  1 
ATOM   118 C  CE  . MET A 1 24 ? 5.121   0.928   -1.128  1.00 29.04 ? 226 MET A CE  1 
ATOM   119 N  N   . ILE A 1 25 ? 1.778   -1.327  2.663   1.00 17.08 ? 227 ILE A N   1 
ATOM   120 C  CA  . ILE A 1 25 ? 0.678   -2.287  2.718   1.00 16.51 ? 227 ILE A CA  1 
ATOM   121 C  C   . ILE A 1 25 ? 0.297   -2.645  1.278   1.00 15.87 ? 227 ILE A C   1 
ATOM   122 O  O   . ILE A 1 25 ? 0.359   -1.801  0.385   1.00 15.59 ? 227 ILE A O   1 
ATOM   123 C  CB  . ILE A 1 25 ? -0.521  -1.678  3.502   1.00 17.74 ? 227 ILE A CB  1 
ATOM   124 C  CG1 . ILE A 1 25 ? -1.634  -2.720  3.667   1.00 20.66 ? 227 ILE A CG1 1 
ATOM   125 C  CG2 . ILE A 1 25 ? -1.023  -0.424  2.798   1.00 19.20 ? 227 ILE A CG2 1 
ATOM   126 C  CD1 . ILE A 1 25 ? -2.680  -2.341  4.715   1.00 21.15 ? 227 ILE A CD1 1 
ATOM   127 N  N   . GLY A 1 26 ? -0.062  -3.905  1.051   1.00 15.63 ? 228 GLY A N   1 
ATOM   128 C  CA  . GLY A 1 26 ? -0.420  -4.333  -0.290  1.00 16.22 ? 228 GLY A CA  1 
ATOM   129 C  C   . GLY A 1 26 ? -1.914  -4.519  -0.461  1.00 16.84 ? 228 GLY A C   1 
ATOM   130 O  O   . GLY A 1 26 ? -2.565  -5.140  0.378   1.00 16.18 ? 228 GLY A O   1 
ATOM   131 N  N   . CYS A 1 27 ? -2.454  -3.987  -1.552  1.00 17.06 ? 229 CYS A N   1 
ATOM   132 C  CA  . CYS A 1 27 ? -3.885  -4.092  -1.830  1.00 18.38 ? 229 CYS A CA  1 
ATOM   133 C  C   . CYS A 1 27 ? -4.255  -5.577  -2.014  1.00 18.77 ? 229 CYS A C   1 
ATOM   134 O  O   . CYS A 1 27 ? -3.592  -6.317  -2.742  1.00 17.70 ? 229 CYS A O   1 
ATOM   135 C  CB  . CYS A 1 27 ? -4.233  -3.303  -3.089  1.00 16.67 ? 229 CYS A CB  1 
ATOM   136 S  SG  . CYS A 1 27 ? -6.003  -3.176  -3.387  1.00 18.81 ? 229 CYS A SG  1 
ATOM   137 N  N   . ASP A 1 28 ? -5.333  -5.996  -1.365  1.00 19.64 ? 230 ASP A N   1 
ATOM   138 C  CA  . ASP A 1 28 ? -5.757  -7.386  -1.444  1.00 20.82 ? 230 ASP A CA  1 
ATOM   139 C  C   . ASP A 1 28 ? -6.481  -7.702  -2.764  1.00 21.33 ? 230 ASP A C   1 
ATOM   140 O  O   . ASP A 1 28 ? -6.989  -8.808  -2.946  1.00 21.26 ? 230 ASP A O   1 
ATOM   141 C  CB  . ASP A 1 28 ? -6.601  -7.732  -0.222  1.00 22.27 ? 230 ASP A CB  1 
ATOM   142 C  CG  . ASP A 1 28 ? -5.740  -8.013  0.999   1.00 24.66 ? 230 ASP A CG  1 
ATOM   143 O  OD1 . ASP A 1 28 ? -6.144  -7.653  2.121   1.00 26.39 ? 230 ASP A OD1 1 
ATOM   144 O  OD2 . ASP A 1 28 ? -4.652  -8.603  0.824   1.00 26.26 ? 230 ASP A OD2 1 
ATOM   145 N  N   . ASN A 1 29 ? -6.539  -6.738  -3.675  1.00 20.72 ? 231 ASN A N   1 
ATOM   146 C  CA  . ASN A 1 29 ? -7.109  -6.981  -5.003  1.00 20.04 ? 231 ASN A CA  1 
ATOM   147 C  C   . ASN A 1 29 ? -5.947  -7.484  -5.829  1.00 20.90 ? 231 ASN A C   1 
ATOM   148 O  O   . ASN A 1 29 ? -5.045  -6.726  -6.142  1.00 18.47 ? 231 ASN A O   1 
ATOM   149 C  CB  . ASN A 1 29 ? -7.703  -5.710  -5.615  1.00 18.23 ? 231 ASN A CB  1 
ATOM   150 C  CG  . ASN A 1 29 ? -8.201  -5.937  -7.025  1.00 18.27 ? 231 ASN A CG  1 
ATOM   151 O  OD1 . ASN A 1 29 ? -8.158  -7.062  -7.534  1.00 15.16 ? 231 ASN A OD1 1 
ATOM   152 N  ND2 . ASN A 1 29 ? -8.681  -4.872  -7.657  1.00 18.62 ? 231 ASN A ND2 1 
ATOM   153 N  N   . GLU A 1 30 ? -5.960  -8.764  -6.190  1.00 21.39 ? 232 GLU A N   1 
ATOM   154 C  CA  . GLU A 1 30 ? -4.874  -9.369  -6.972  1.00 23.47 ? 232 GLU A CA  1 
ATOM   155 C  C   . GLU A 1 30 ? -4.598  -8.588  -8.254  1.00 23.94 ? 232 GLU A C   1 
ATOM   156 O  O   . GLU A 1 30 ? -3.473  -8.591  -8.744  1.00 22.51 ? 232 GLU A O   1 
ATOM   157 C  CB  . GLU A 1 30 ? -5.222  -10.813 -7.340  1.00 23.75 ? 232 GLU A CB  1 
ATOM   158 C  CG  . GLU A 1 30 ? -5.143  -11.797 -6.195  1.00 29.09 ? 232 GLU A CG  1 
ATOM   159 C  CD  . GLU A 1 30 ? -5.657  -13.175 -6.586  1.00 31.24 ? 232 GLU A CD  1 
ATOM   160 O  OE1 . GLU A 1 30 ? -5.419  -14.139 -5.831  1.00 32.01 ? 232 GLU A OE1 1 
ATOM   161 O  OE2 . GLU A 1 30 ? -6.310  -13.293 -7.644  1.00 33.50 ? 232 GLU A OE2 1 
ATOM   162 N  N   . GLN A 1 31 ? -5.614  -7.927  -8.800  1.00 25.17 ? 233 GLN A N   1 
ATOM   163 C  CA  . GLN A 1 31 ? -5.438  -7.187  -10.055 1.00 25.16 ? 233 GLN A CA  1 
ATOM   164 C  C   . GLN A 1 31 ? -5.155  -5.699  -9.797  1.00 24.85 ? 233 GLN A C   1 
ATOM   165 O  O   . GLN A 1 31 ? -5.239  -4.890  -10.721 1.00 22.79 ? 233 GLN A O   1 
ATOM   166 C  CB  . GLN A 1 31 ? -6.685  -7.336  -10.938 1.00 29.23 ? 233 GLN A CB  1 
ATOM   167 C  CG  . GLN A 1 31 ? -6.971  -8.769  -11.366 1.00 36.22 ? 233 GLN A CG  1 
ATOM   168 C  CD  . GLN A 1 31 ? -5.973  -9.297  -12.384 1.00 38.94 ? 233 GLN A CD  1 
ATOM   169 O  OE1 . GLN A 1 31 ? -5.876  -10.504 -12.606 1.00 39.08 ? 233 GLN A OE1 1 
ATOM   170 N  NE2 . GLN A 1 31 ? -5.237  -8.391  -13.019 1.00 40.90 ? 233 GLN A NE2 1 
ATOM   171 N  N   . CYS A 1 32 ? -4.822  -5.329  -8.564  1.00 22.95 ? 234 CYS A N   1 
ATOM   172 C  CA  . CYS A 1 32 ? -4.526  -3.915  -8.295  1.00 23.05 ? 234 CYS A CA  1 
ATOM   173 C  C   . CYS A 1 32 ? -3.310  -3.517  -9.142  1.00 23.27 ? 234 CYS A C   1 
ATOM   174 O  O   . CYS A 1 32 ? -2.293  -4.206  -9.152  1.00 23.23 ? 234 CYS A O   1 
ATOM   175 C  CB  . CYS A 1 32 ? -4.209  -3.672  -6.816  1.00 21.33 ? 234 CYS A CB  1 
ATOM   176 S  SG  . CYS A 1 32 ? -3.925  -1.919  -6.449  1.00 18.91 ? 234 CYS A SG  1 
ATOM   177 N  N   . PRO A 1 33 ? -3.418  -2.402  -9.874  1.00 26.08 ? 235 PRO A N   1 
ATOM   178 C  CA  . PRO A 1 33 ? -2.348  -1.888  -10.736 1.00 26.59 ? 235 PRO A CA  1 
ATOM   179 C  C   . PRO A 1 33 ? -1.121  -1.381  -9.961  1.00 26.59 ? 235 PRO A C   1 
ATOM   180 O  O   . PRO A 1 33 ? 0.001   -1.441  -10.458 1.00 27.25 ? 235 PRO A O   1 
ATOM   181 C  CB  . PRO A 1 33 ? -3.035  -0.755  -11.496 1.00 28.47 ? 235 PRO A CB  1 
ATOM   182 C  CG  . PRO A 1 33 ? -4.480  -1.149  -11.485 1.00 29.37 ? 235 PRO A CG  1 
ATOM   183 C  CD  . PRO A 1 33 ? -4.655  -1.631  -10.077 1.00 27.11 ? 235 PRO A CD  1 
ATOM   184 N  N   . ILE A 1 34 ? -1.352  -0.887  -8.747  1.00 24.51 ? 236 ILE A N   1 
ATOM   185 C  CA  . ILE A 1 34 ? -0.281  -0.333  -7.908  1.00 22.26 ? 236 ILE A CA  1 
ATOM   186 C  C   . ILE A 1 34 ? 0.192   -1.371  -6.886  1.00 20.93 ? 236 ILE A C   1 
ATOM   187 O  O   . ILE A 1 34 ? 1.387   -1.652  -6.786  1.00 19.64 ? 236 ILE A O   1 
ATOM   188 C  CB  . ILE A 1 34 ? -0.783  0.915   -7.162  1.00 22.69 ? 236 ILE A CB  1 
ATOM   189 C  CG1 . ILE A 1 34 ? -1.271  1.952   -8.177  1.00 23.59 ? 236 ILE A CG1 1 
ATOM   190 C  CG2 . ILE A 1 34 ? 0.326   1.485   -6.288  1.00 23.67 ? 236 ILE A CG2 1 
ATOM   191 C  CD1 . ILE A 1 34 ? -1.906  3.178   -7.549  1.00 24.05 ? 236 ILE A CD1 1 
ATOM   192 N  N   . GLU A 1 35 ? -0.761  -1.906  -6.126  1.00 17.50 ? 237 GLU A N   1 
ATOM   193 C  CA  . GLU A 1 35 ? -0.542  -2.930  -5.090  1.00 17.32 ? 237 GLU A CA  1 
ATOM   194 C  C   . GLU A 1 35 ? 0.056   -2.378  -3.790  1.00 17.72 ? 237 GLU A C   1 
ATOM   195 O  O   . GLU A 1 35 ? -0.585  -2.437  -2.744  1.00 18.59 ? 237 GLU A O   1 
ATOM   196 C  CB  . GLU A 1 35 ? 0.350   -4.085  -5.576  1.00 19.00 ? 237 GLU A CB  1 
ATOM   197 C  CG  . GLU A 1 35 ? 0.687   -5.033  -4.412  1.00 17.54 ? 237 GLU A CG  1 
ATOM   198 C  CD  . GLU A 1 35 ? 1.443   -6.294  -4.802  1.00 19.74 ? 237 GLU A CD  1 
ATOM   199 O  OE1 . GLU A 1 35 ? 2.146   -6.304  -5.837  1.00 16.65 ? 237 GLU A OE1 1 
ATOM   200 O  OE2 . GLU A 1 35 ? 1.345   -7.280  -4.037  1.00 17.13 ? 237 GLU A OE2 1 
ATOM   201 N  N   . TRP A 1 36 ? 1.281   -1.861  -3.841  1.00 16.31 ? 238 TRP A N   1 
ATOM   202 C  CA  . TRP A 1 36 ? 1.935   -1.381  -2.610  1.00 16.40 ? 238 TRP A CA  1 
ATOM   203 C  C   . TRP A 1 36 ? 1.801   0.119   -2.411  1.00 16.10 ? 238 TRP A C   1 
ATOM   204 O  O   . TRP A 1 36 ? 2.008   0.910   -3.335  1.00 16.58 ? 238 TRP A O   1 
ATOM   205 C  CB  . TRP A 1 36 ? 3.414   -1.762  -2.614  1.00 17.66 ? 238 TRP A CB  1 
ATOM   206 C  CG  . TRP A 1 36 ? 3.630   -3.235  -2.598  1.00 16.65 ? 238 TRP A CG  1 
ATOM   207 C  CD1 . TRP A 1 36 ? 3.938   -4.032  -3.662  1.00 18.28 ? 238 TRP A CD1 1 
ATOM   208 C  CD2 . TRP A 1 36 ? 3.536   -4.101  -1.459  1.00 17.23 ? 238 TRP A CD2 1 
ATOM   209 N  NE1 . TRP A 1 36 ? 4.046   -5.341  -3.257  1.00 17.32 ? 238 TRP A NE1 1 
ATOM   210 C  CE2 . TRP A 1 36 ? 3.804   -5.412  -1.910  1.00 17.17 ? 238 TRP A CE2 1 
ATOM   211 C  CE3 . TRP A 1 36 ? 3.252   -3.896  -0.100  1.00 18.19 ? 238 TRP A CE3 1 
ATOM   212 C  CZ2 . TRP A 1 36 ? 3.796   -6.516  -1.050  1.00 17.03 ? 238 TRP A CZ2 1 
ATOM   213 C  CZ3 . TRP A 1 36 ? 3.244   -4.992  0.754   1.00 18.13 ? 238 TRP A CZ3 1 
ATOM   214 C  CH2 . TRP A 1 36 ? 3.515   -6.287  0.275   1.00 17.52 ? 238 TRP A CH2 1 
ATOM   215 N  N   . PHE A 1 37 ? 1.484   0.491   -1.172  1.00 17.01 ? 239 PHE A N   1 
ATOM   216 C  CA  . PHE A 1 37 ? 1.314   1.892   -0.793  1.00 16.46 ? 239 PHE A CA  1 
ATOM   217 C  C   . PHE A 1 37 ? 2.045   2.144   0.526   1.00 17.40 ? 239 PHE A C   1 
ATOM   218 O  O   . PHE A 1 37 ? 2.119   1.263   1.381   1.00 17.08 ? 239 PHE A O   1 
ATOM   219 C  CB  . PHE A 1 37 ? -0.171  2.220   -0.593  1.00 17.98 ? 239 PHE A CB  1 
ATOM   220 C  CG  . PHE A 1 37 ? -1.024  1.931   -1.791  1.00 17.65 ? 239 PHE A CG  1 
ATOM   221 C  CD1 . PHE A 1 37 ? -1.313  0.619   -2.152  1.00 17.31 ? 239 PHE A CD1 1 
ATOM   222 C  CD2 . PHE A 1 37 ? -1.505  2.969   -2.581  1.00 18.20 ? 239 PHE A CD2 1 
ATOM   223 C  CE1 . PHE A 1 37 ? -2.067  0.345   -3.284  1.00 18.13 ? 239 PHE A CE1 1 
ATOM   224 C  CE2 . PHE A 1 37 ? -2.262  2.709   -3.717  1.00 20.06 ? 239 PHE A CE2 1 
ATOM   225 C  CZ  . PHE A 1 37 ? -2.541  1.391   -4.071  1.00 17.79 ? 239 PHE A CZ  1 
ATOM   226 N  N   . HIS A 1 38 ? 2.578   3.351   0.687   1.00 17.55 ? 240 HIS A N   1 
ATOM   227 C  CA  . HIS A 1 38 ? 3.260   3.712   1.928   1.00 17.46 ? 240 HIS A CA  1 
ATOM   228 C  C   . HIS A 1 38 ? 2.167   3.954   2.966   1.00 17.66 ? 240 HIS A C   1 
ATOM   229 O  O   . HIS A 1 38 ? 1.126   4.516   2.642   1.00 16.34 ? 240 HIS A O   1 
ATOM   230 C  CB  . HIS A 1 38 ? 4.086   4.984   1.739   1.00 19.40 ? 240 HIS A CB  1 
ATOM   231 C  CG  . HIS A 1 38 ? 5.097   4.883   0.641   1.00 19.59 ? 240 HIS A CG  1 
ATOM   232 N  ND1 . HIS A 1 38 ? 4.842   5.310   -0.644  1.00 20.57 ? 240 HIS A ND1 1 
ATOM   233 C  CD2 . HIS A 1 38 ? 6.342   4.356   0.621   1.00 18.96 ? 240 HIS A CD2 1 
ATOM   234 C  CE1 . HIS A 1 38 ? 5.887   5.051   -1.407  1.00 20.46 ? 240 HIS A CE1 1 
ATOM   235 N  NE2 . HIS A 1 38 ? 6.811   4.471   -0.664  1.00 19.57 ? 240 HIS A NE2 1 
ATOM   236 N  N   . PHE A 1 39 ? 2.403   3.529   4.206   1.00 17.49 ? 241 PHE A N   1 
ATOM   237 C  CA  . PHE A 1 39 ? 1.408   3.692   5.282   1.00 19.56 ? 241 PHE A CA  1 
ATOM   238 C  C   . PHE A 1 39 ? 0.916   5.134   5.350   1.00 21.60 ? 241 PHE A C   1 
ATOM   239 O  O   . PHE A 1 39 ? -0.285  5.377   5.410   1.00 22.37 ? 241 PHE A O   1 
ATOM   240 C  CB  . PHE A 1 39 ? 1.992   3.323   6.649   1.00 18.59 ? 241 PHE A CB  1 
ATOM   241 C  CG  . PHE A 1 39 ? 1.812   1.876   7.033   1.00 20.98 ? 241 PHE A CG  1 
ATOM   242 C  CD1 . PHE A 1 39 ? 1.754   1.514   8.376   1.00 21.39 ? 241 PHE A CD1 1 
ATOM   243 C  CD2 . PHE A 1 39 ? 1.727   0.877   6.068   1.00 19.82 ? 241 PHE A CD2 1 
ATOM   244 C  CE1 . PHE A 1 39 ? 1.616   0.180   8.752   1.00 21.49 ? 241 PHE A CE1 1 
ATOM   245 C  CE2 . PHE A 1 39 ? 1.591   -0.461  6.434   1.00 20.30 ? 241 PHE A CE2 1 
ATOM   246 C  CZ  . PHE A 1 39 ? 1.534   -0.811  7.777   1.00 22.47 ? 241 PHE A CZ  1 
ATOM   247 N  N   . SER A 1 40 ? 1.849   6.084   5.344   1.00 24.25 ? 242 SER A N   1 
ATOM   248 C  CA  . SER A 1 40 ? 1.509   7.512   5.444   1.00 26.02 ? 242 SER A CA  1 
ATOM   249 C  C   . SER A 1 40 ? 0.589   7.969   4.297   1.00 25.80 ? 242 SER A C   1 
ATOM   250 O  O   . SER A 1 40 ? -0.331  8.752   4.521   1.00 26.26 ? 242 SER A O   1 
ATOM   251 C  CB  . SER A 1 40 ? 2.782   8.365   5.446   1.00 27.15 ? 242 SER A CB  1 
ATOM   252 O  OG  . SER A 1 40 ? 3.493   8.233   4.228   1.00 32.57 ? 242 SER A OG  1 
ATOM   253 N  N   . CYS A 1 41 ? 0.831   7.477   3.086   1.00 23.92 ? 243 CYS A N   1 
ATOM   254 C  CA  . CYS A 1 41 ? 0.034   7.882   1.915   1.00 24.76 ? 243 CYS A CA  1 
ATOM   255 C  C   . CYS A 1 41 ? -1.413  7.372   1.985   1.00 24.19 ? 243 CYS A C   1 
ATOM   256 O  O   . CYS A 1 41 ? -2.276  7.880   1.264   1.00 22.52 ? 243 CYS A O   1 
ATOM   257 C  CB  . CYS A 1 41 ? 0.699   7.393   0.632   1.00 25.15 ? 243 CYS A CB  1 
ATOM   258 S  SG  . CYS A 1 41 ? 2.321   8.138   0.369   1.00 26.69 ? 243 CYS A SG  1 
ATOM   259 N  N   . VAL A 1 42 ? -1.680  6.376   2.825   1.00 24.22 ? 244 VAL A N   1 
ATOM   260 C  CA  . VAL A 1 42 ? -3.047  5.853   2.958   1.00 24.45 ? 244 VAL A CA  1 
ATOM   261 C  C   . VAL A 1 42 ? -3.552  6.073   4.391   1.00 25.15 ? 244 VAL A C   1 
ATOM   262 O  O   . VAL A 1 42 ? -4.481  5.406   4.844   1.00 26.24 ? 244 VAL A O   1 
ATOM   263 C  CB  . VAL A 1 42 ? -3.136  4.353   2.577   1.00 23.70 ? 244 VAL A CB  1 
ATOM   264 C  CG1 . VAL A 1 42 ? -2.987  4.201   1.071   1.00 22.06 ? 244 VAL A CG1 1 
ATOM   265 C  CG2 . VAL A 1 42 ? -2.064  3.554   3.296   1.00 23.73 ? 244 VAL A CG2 1 
ATOM   266 N  N   . SER A 1 43 ? -2.924  7.021   5.086   1.00 26.37 ? 245 SER A N   1 
ATOM   267 C  CA  . SER A 1 43 ? -3.288  7.404   6.460   1.00 27.18 ? 245 SER A CA  1 
ATOM   268 C  C   . SER A 1 43 ? -3.363  6.200   7.402   1.00 26.97 ? 245 SER A C   1 
ATOM   269 O  O   . SER A 1 43 ? -4.364  6.016   8.097   1.00 26.28 ? 245 SER A O   1 
ATOM   270 C  CB  . SER A 1 43 ? -4.635  8.129   6.462   1.00 29.55 ? 245 SER A CB  1 
ATOM   271 O  OG  . SER A 1 43 ? -4.603  9.248   5.597   1.00 31.90 ? 245 SER A OG  1 
ATOM   272 N  N   . LEU A 1 44 ? -2.309  5.394   7.438   1.00 24.91 ? 246 LEU A N   1 
ATOM   273 C  CA  . LEU A 1 44 ? -2.275  4.236   8.331   1.00 24.79 ? 246 LEU A CA  1 
ATOM   274 C  C   . LEU A 1 44 ? -1.076  4.384   9.255   1.00 24.59 ? 246 LEU A C   1 
ATOM   275 O  O   . LEU A 1 44 ? -0.065  4.968   8.874   1.00 24.08 ? 246 LEU A O   1 
ATOM   276 C  CB  . LEU A 1 44 ? -2.134  2.926   7.543   1.00 23.92 ? 246 LEU A CB  1 
ATOM   277 C  CG  . LEU A 1 44 ? -3.352  2.350   6.815   1.00 25.41 ? 246 LEU A CG  1 
ATOM   278 C  CD1 . LEU A 1 44 ? -2.931  1.066   6.099   1.00 23.93 ? 246 LEU A CD1 1 
ATOM   279 C  CD2 . LEU A 1 44 ? -4.482  2.064   7.802   1.00 24.53 ? 246 LEU A CD2 1 
ATOM   280 N  N   . THR A 1 45 ? -1.193  3.861   10.470  1.00 25.01 ? 247 THR A N   1 
ATOM   281 C  CA  . THR A 1 45 ? -0.085  3.912   11.421  1.00 26.82 ? 247 THR A CA  1 
ATOM   282 C  C   . THR A 1 45 ? 0.232   2.489   11.867  1.00 27.39 ? 247 THR A C   1 
ATOM   283 O  O   . THR A 1 45 ? 1.370   2.179   12.201  1.00 28.52 ? 247 THR A O   1 
ATOM   284 C  CB  . THR A 1 45 ? -0.416  4.767   12.672  1.00 28.73 ? 247 THR A CB  1 
ATOM   285 O  OG1 . THR A 1 45 ? -1.601  4.272   13.307  1.00 30.92 ? 247 THR A OG1 1 
ATOM   286 C  CG2 . THR A 1 45 ? -0.620  6.213   12.278  1.00 31.35 ? 247 THR A CG2 1 
ATOM   287 N  N   . TYR A 1 46 ? -0.783  1.629   11.860  1.00 28.58 ? 248 TYR A N   1 
ATOM   288 C  CA  . TYR A 1 46 ? -0.615  0.238   12.273  1.00 29.48 ? 248 TYR A CA  1 
ATOM   289 C  C   . TYR A 1 46 ? -1.180  -0.702  11.202  1.00 30.02 ? 248 TYR A C   1 
ATOM   290 O  O   . TYR A 1 46 ? -2.095  -0.349  10.459  1.00 27.08 ? 248 TYR A O   1 
ATOM   291 C  CB  . TYR A 1 46 ? -1.334  -0.021  13.603  1.00 30.08 ? 248 TYR A CB  1 
ATOM   292 C  CG  . TYR A 1 46 ? -0.754  0.731   14.778  1.00 32.14 ? 248 TYR A CG  1 
ATOM   293 C  CD1 . TYR A 1 46 ? -1.215  2.003   15.121  1.00 33.94 ? 248 TYR A CD1 1 
ATOM   294 C  CD2 . TYR A 1 46 ? 0.271   0.176   15.539  1.00 33.28 ? 248 TYR A CD2 1 
ATOM   295 C  CE1 . TYR A 1 46 ? -0.665  2.706   16.198  1.00 32.02 ? 248 TYR A CE1 1 
ATOM   296 C  CE2 . TYR A 1 46 ? 0.829   0.866   16.614  1.00 33.52 ? 248 TYR A CE2 1 
ATOM   297 C  CZ  . TYR A 1 46 ? 0.357   2.128   16.937  1.00 33.09 ? 248 TYR A CZ  1 
ATOM   298 O  OH  . TYR A 1 46 ? 0.920   2.806   17.993  1.00 33.56 ? 248 TYR A OH  1 
ATOM   299 N  N   . LYS A 1 47 ? -0.613  -1.902  11.149  1.00 31.32 ? 249 LYS A N   1 
ATOM   300 C  CA  . LYS A 1 47 ? -1.017  -2.944  10.206  1.00 32.56 ? 249 LYS A CA  1 
ATOM   301 C  C   . LYS A 1 47 ? -2.493  -3.242  10.445  1.00 32.28 ? 249 LYS A C   1 
ATOM   302 O  O   . LYS A 1 47 ? -2.881  -3.654  11.536  1.00 31.56 ? 249 LYS A O   1 
ATOM   303 C  CB  . LYS A 1 47 ? -0.188  -4.205  10.462  1.00 35.16 ? 249 LYS A CB  1 
ATOM   304 C  CG  . LYS A 1 47 ? -0.444  -5.366  9.515   1.00 40.14 ? 249 LYS A CG  1 
ATOM   305 C  CD  . LYS A 1 47 ? 0.169   -6.641  10.085  1.00 43.01 ? 249 LYS A CD  1 
ATOM   306 C  CE  . LYS A 1 47 ? 0.126   -7.794  9.100   1.00 43.38 ? 249 LYS A CE  1 
ATOM   307 N  NZ  . LYS A 1 47 ? 1.118   -7.628  8.006   1.00 43.44 ? 249 LYS A NZ  1 
ATOM   308 N  N   . PRO A 1 48 ? -3.340  -3.020  9.433   1.00 31.66 ? 250 PRO A N   1 
ATOM   309 C  CA  . PRO A 1 48 ? -4.769  -3.290  9.601   1.00 32.07 ? 250 PRO A CA  1 
ATOM   310 C  C   . PRO A 1 48 ? -5.014  -4.777  9.845   1.00 34.15 ? 250 PRO A C   1 
ATOM   311 O  O   . PRO A 1 48 ? -4.178  -5.617  9.525   1.00 32.05 ? 250 PRO A O   1 
ATOM   312 C  CB  . PRO A 1 48 ? -5.367  -2.831  8.274   1.00 30.88 ? 250 PRO A CB  1 
ATOM   313 C  CG  . PRO A 1 48 ? -4.433  -1.754  7.831   1.00 28.50 ? 250 PRO A CG  1 
ATOM   314 C  CD  . PRO A 1 48 ? -3.081  -2.341  8.152   1.00 30.51 ? 250 PRO A CD  1 
ATOM   315 N  N   . LYS A 1 49 ? -6.159  -5.096  10.428  1.00 38.07 ? 251 LYS A N   1 
ATOM   316 C  CA  . LYS A 1 49 ? -6.499  -6.484  10.668  1.00 42.34 ? 251 LYS A CA  1 
ATOM   317 C  C   . LYS A 1 49 ? -7.472  -6.879  9.555   1.00 42.09 ? 251 LYS A C   1 
ATOM   318 O  O   . LYS A 1 49 ? -8.397  -6.129  9.240   1.00 43.50 ? 251 LYS A O   1 
ATOM   319 C  CB  . LYS A 1 49 ? -7.159  -6.640  12.042  1.00 47.68 ? 251 LYS A CB  1 
ATOM   320 C  CG  . LYS A 1 49 ? -7.568  -8.065  12.383  1.00 54.20 ? 251 LYS A CG  1 
ATOM   321 C  CD  . LYS A 1 49 ? -6.375  -9.011  12.365  1.00 57.26 ? 251 LYS A CD  1 
ATOM   322 C  CE  . LYS A 1 49 ? -6.791  -10.432 12.725  1.00 58.08 ? 251 LYS A CE  1 
ATOM   323 N  NZ  . LYS A 1 49 ? -5.637  -11.378 12.691  1.00 58.10 ? 251 LYS A NZ  1 
ATOM   324 N  N   . GLY A 1 50 ? -7.250  -8.036  8.944   1.00 40.44 ? 252 GLY A N   1 
ATOM   325 C  CA  . GLY A 1 50 ? -8.133  -8.469  7.877   1.00 37.29 ? 252 GLY A CA  1 
ATOM   326 C  C   . GLY A 1 50 ? -7.718  -7.957  6.509   1.00 35.13 ? 252 GLY A C   1 
ATOM   327 O  O   . GLY A 1 50 ? -6.579  -7.551  6.311   1.00 34.37 ? 252 GLY A O   1 
ATOM   328 N  N   . LYS A 1 51 ? -8.656  -7.969  5.568   1.00 32.12 ? 253 LYS A N   1 
ATOM   329 C  CA  . LYS A 1 51 ? -8.400  -7.529  4.193   1.00 30.54 ? 253 LYS A CA  1 
ATOM   330 C  C   . LYS A 1 51 ? -8.291  -6.005  4.130   1.00 28.41 ? 253 LYS A C   1 
ATOM   331 O  O   . LYS A 1 51 ? -8.934  -5.289  4.895   1.00 26.61 ? 253 LYS A O   1 
ATOM   332 C  CB  . LYS A 1 51 ? -9.538  -7.984  3.272   1.00 31.80 ? 253 LYS A CB  1 
ATOM   333 C  CG  . LYS A 1 51 ? -9.738  -9.489  3.200   1.00 35.59 ? 253 LYS A CG  1 
ATOM   334 C  CD  . LYS A 1 51 ? -8.561  -10.173 2.533   1.00 37.90 ? 253 LYS A CD  1 
ATOM   335 C  CE  . LYS A 1 51 ? -8.808  -11.661 2.396   1.00 38.95 ? 253 LYS A CE  1 
ATOM   336 N  NZ  . LYS A 1 51 ? -7.692  -12.345 1.692   1.00 40.01 ? 253 LYS A NZ  1 
ATOM   337 N  N   . TRP A 1 52 ? -7.475  -5.521  3.202   1.00 24.26 ? 254 TRP A N   1 
ATOM   338 C  CA  . TRP A 1 52 ? -7.303  -4.085  3.011   1.00 21.66 ? 254 TRP A CA  1 
ATOM   339 C  C   . TRP A 1 52 ? -7.275  -3.812  1.506   1.00 20.10 ? 254 TRP A C   1 
ATOM   340 O  O   . TRP A 1 52 ? -6.592  -4.503  0.757   1.00 17.55 ? 254 TRP A O   1 
ATOM   341 C  CB  . TRP A 1 52 ? -5.994  -3.591  3.638   1.00 20.44 ? 254 TRP A CB  1 
ATOM   342 C  CG  . TRP A 1 52 ? -5.783  -2.115  3.441   1.00 20.76 ? 254 TRP A CG  1 
ATOM   343 C  CD1 . TRP A 1 52 ? -6.290  -1.104  4.207   1.00 20.43 ? 254 TRP A CD1 1 
ATOM   344 C  CD2 . TRP A 1 52 ? -5.071  -1.485  2.365   1.00 20.53 ? 254 TRP A CD2 1 
ATOM   345 N  NE1 . TRP A 1 52 ? -5.940  0.117   3.676   1.00 19.82 ? 254 TRP A NE1 1 
ATOM   346 C  CE2 . TRP A 1 52 ? -5.194  -0.088  2.544   1.00 20.69 ? 254 TRP A CE2 1 
ATOM   347 C  CE3 . TRP A 1 52 ? -4.342  -1.967  1.265   1.00 22.03 ? 254 TRP A CE3 1 
ATOM   348 C  CZ2 . TRP A 1 52 ? -4.613  0.836   1.665   1.00 20.42 ? 254 TRP A CZ2 1 
ATOM   349 C  CZ3 . TRP A 1 52 ? -3.764  -1.049  0.390   1.00 19.30 ? 254 TRP A CZ3 1 
ATOM   350 C  CH2 . TRP A 1 52 ? -3.903  0.338   0.597   1.00 22.34 ? 254 TRP A CH2 1 
ATOM   351 N  N   . TYR A 1 53 ? -8.024  -2.805  1.075   1.00 18.90 ? 255 TYR A N   1 
ATOM   352 C  CA  . TYR A 1 53 ? -8.069  -2.436  -0.335  1.00 19.45 ? 255 TYR A CA  1 
ATOM   353 C  C   . TYR A 1 53 ? -7.710  -0.961  -0.435  1.00 19.73 ? 255 TYR A C   1 
ATOM   354 O  O   . TYR A 1 53 ? -8.170  -0.144  0.360   1.00 20.96 ? 255 TYR A O   1 
ATOM   355 C  CB  . TYR A 1 53 ? -9.460  -2.709  -0.908  1.00 19.17 ? 255 TYR A CB  1 
ATOM   356 C  CG  . TYR A 1 53 ? -9.889  -4.147  -0.708  1.00 21.18 ? 255 TYR A CG  1 
ATOM   357 C  CD1 . TYR A 1 53 ? -10.798 -4.493  0.292   1.00 22.32 ? 255 TYR A CD1 1 
ATOM   358 C  CD2 . TYR A 1 53 ? -9.343  -5.170  -1.483  1.00 20.95 ? 255 TYR A CD2 1 
ATOM   359 C  CE1 . TYR A 1 53 ? -11.152 -5.831  0.517   1.00 22.92 ? 255 TYR A CE1 1 
ATOM   360 C  CE2 . TYR A 1 53 ? -9.685  -6.505  -1.267  1.00 22.69 ? 255 TYR A CE2 1 
ATOM   361 C  CZ  . TYR A 1 53 ? -10.590 -6.827  -0.265  1.00 23.62 ? 255 TYR A CZ  1 
ATOM   362 O  OH  . TYR A 1 53 ? -10.934 -8.146  -0.047  1.00 24.39 ? 255 TYR A OH  1 
ATOM   363 N  N   . CYS A 1 54 ? -6.880  -0.629  -1.414  1.00 19.61 ? 256 CYS A N   1 
ATOM   364 C  CA  . CYS A 1 54 ? -6.431  0.737   -1.600  1.00 20.57 ? 256 CYS A CA  1 
ATOM   365 C  C   . CYS A 1 54 ? -7.621  1.629   -1.933  1.00 21.36 ? 256 CYS A C   1 
ATOM   366 O  O   . CYS A 1 54 ? -8.700  1.148   -2.284  1.00 21.95 ? 256 CYS A O   1 
ATOM   367 C  CB  . CYS A 1 54 ? -5.394  0.803   -2.715  1.00 19.92 ? 256 CYS A CB  1 
ATOM   368 S  SG  . CYS A 1 54 ? -6.057  0.633   -4.374  1.00 18.29 ? 256 CYS A SG  1 
ATOM   369 N  N   . PRO A 1 55 ? -7.433  2.954   -1.825  1.00 22.56 ? 257 PRO A N   1 
ATOM   370 C  CA  . PRO A 1 55 ? -8.492  3.925   -2.113  1.00 23.17 ? 257 PRO A CA  1 
ATOM   371 C  C   . PRO A 1 55 ? -9.174  3.704   -3.462  1.00 24.88 ? 257 PRO A C   1 
ATOM   372 O  O   . PRO A 1 55 ? -10.397 3.780   -3.572  1.00 26.31 ? 257 PRO A O   1 
ATOM   373 C  CB  . PRO A 1 55 ? -7.756  5.260   -2.049  1.00 24.02 ? 257 PRO A CB  1 
ATOM   374 C  CG  . PRO A 1 55 ? -6.734  5.008   -0.963  1.00 24.68 ? 257 PRO A CG  1 
ATOM   375 C  CD  . PRO A 1 55 ? -6.216  3.630   -1.332  1.00 22.90 ? 257 PRO A CD  1 
ATOM   376 N  N   . LYS A 1 56 ? -8.369  3.430   -4.481  1.00 25.90 ? 258 LYS A N   1 
ATOM   377 C  CA  . LYS A 1 56 ? -8.875  3.214   -5.837  1.00 26.10 ? 258 LYS A CA  1 
ATOM   378 C  C   . LYS A 1 56 ? -9.770  1.967   -5.886  1.00 24.66 ? 258 LYS A C   1 
ATOM   379 O  O   . LYS A 1 56 ? -10.902 2.025   -6.363  1.00 23.51 ? 258 LYS A O   1 
ATOM   380 C  CB  . LYS A 1 56 ? -7.699  3.053   -6.804  1.00 28.60 ? 258 LYS A CB  1 
ATOM   381 C  CG  . LYS A 1 56 ? -8.081  2.682   -8.227  1.00 35.85 ? 258 LYS A CG  1 
ATOM   382 C  CD  . LYS A 1 56 ? -8.880  3.778   -8.908  1.00 38.51 ? 258 LYS A CD  1 
ATOM   383 C  CE  . LYS A 1 56 ? -9.187  3.415   -10.357 1.00 39.80 ? 258 LYS A CE  1 
ATOM   384 N  NZ  . LYS A 1 56 ? -9.976  4.484   -11.039 1.00 39.95 ? 258 LYS A NZ  1 
ATOM   385 N  N   . CYS A 1 57 ? -9.270  0.851   -5.373  1.00 23.04 ? 259 CYS A N   1 
ATOM   386 C  CA  . CYS A 1 57 ? -10.022 -0.402  -5.413  1.00 23.17 ? 259 CYS A CA  1 
ATOM   387 C  C   . CYS A 1 57 ? -11.228 -0.410  -4.470  1.00 24.57 ? 259 CYS A C   1 
ATOM   388 O  O   . CYS A 1 57 ? -12.236 -1.028  -4.792  1.00 24.02 ? 259 CYS A O   1 
ATOM   389 C  CB  . CYS A 1 57 ? -9.103  -1.584  -5.103  1.00 19.91 ? 259 CYS A CB  1 
ATOM   390 S  SG  . CYS A 1 57 ? -7.909  -1.929  -6.414  1.00 19.82 ? 259 CYS A SG  1 
ATOM   391 N  N   . ARG A 1 58 ? -11.150 0.260   -3.323  1.00 25.79 ? 260 ARG A N   1 
ATOM   392 C  CA  . ARG A 1 58 ? -12.292 0.243   -2.396  1.00 28.52 ? 260 ARG A CA  1 
ATOM   393 C  C   . ARG A 1 58 ? -13.352 1.252   -2.825  1.00 28.11 ? 260 ARG A C   1 
ATOM   394 O  O   . ARG A 1 58 ? -14.423 1.317   -2.236  1.00 28.36 ? 260 ARG A O   1 
ATOM   395 C  CB  . ARG A 1 58 ? -11.849 0.502   -0.953  1.00 30.81 ? 260 ARG A CB  1 
ATOM   396 C  CG  . ARG A 1 58 ? -11.220 1.848   -0.683  1.00 38.62 ? 260 ARG A CG  1 
ATOM   397 C  CD  . ARG A 1 58 ? -10.519 1.792   0.665   1.00 41.03 ? 260 ARG A CD  1 
ATOM   398 N  NE  . ARG A 1 58 ? -9.978  3.077   1.087   1.00 42.31 ? 260 ARG A NE  1 
ATOM   399 C  CZ  . ARG A 1 58 ? -9.311  3.263   2.222   1.00 41.67 ? 260 ARG A CZ  1 
ATOM   400 N  NH1 . ARG A 1 58 ? -9.101  2.241   3.043   1.00 41.19 ? 260 ARG A NH1 1 
ATOM   401 N  NH2 . ARG A 1 58 ? -8.874  4.472   2.548   1.00 39.91 ? 260 ARG A NH2 1 
ATOM   402 N  N   . GLY A 1 59 ? -13.050 2.035   -3.852  1.00 28.41 ? 261 GLY A N   1 
ATOM   403 C  CA  . GLY A 1 59 ? -14.030 2.980   -4.350  1.00 28.42 ? 261 GLY A CA  1 
ATOM   404 C  C   . GLY A 1 59 ? -13.993 4.403   -3.837  1.00 31.02 ? 261 GLY A C   1 
ATOM   405 O  O   . GLY A 1 59 ? -15.042 5.035   -3.712  1.00 29.10 ? 261 GLY A O   1 
ATOM   406 N  N   . ASP A 1 60 ? -12.808 4.921   -3.539  1.00 34.45 ? 262 ASP A N   1 
ATOM   407 C  CA  . ASP A 1 60 ? -12.711 6.303   -3.062  1.00 37.98 ? 262 ASP A CA  1 
ATOM   408 C  C   . ASP A 1 60 ? -12.254 7.189   -4.215  1.00 40.20 ? 262 ASP A C   1 
ATOM   409 O  O   . ASP A 1 60 ? -11.695 6.710   -5.207  1.00 38.33 ? 262 ASP A O   1 
ATOM   410 C  CB  . ASP A 1 60 ? -11.729 6.420   -1.893  1.00 40.69 ? 262 ASP A CB  1 
ATOM   411 C  CG  . ASP A 1 60 ? -12.250 5.764   -0.630  1.00 46.38 ? 262 ASP A CG  1 
ATOM   412 O  OD1 . ASP A 1 60 ? -13.436 5.974   -0.299  1.00 49.89 ? 262 ASP A OD1 1 
ATOM   413 O  OD2 . ASP A 1 60 ? -11.474 5.048   0.037   1.00 50.22 ? 262 ASP A OD2 1 
ATOM   414 N  N   . ASN A 1 61 ? -12.500 8.487   -4.074  1.00 44.24 ? 263 ASN A N   1 
ATOM   415 C  CA  . ASN A 1 61 ? -12.132 9.464   -5.095  1.00 48.10 ? 263 ASN A CA  1 
ATOM   416 C  C   . ASN A 1 61 ? -10.935 10.275  -4.595  1.00 47.28 ? 263 ASN A C   1 
ATOM   417 O  O   . ASN A 1 61 ? -9.785  9.957   -4.905  1.00 46.11 ? 263 ASN A O   1 
ATOM   418 C  CB  . ASN A 1 61 ? -13.322 10.386  -5.377  1.00 52.84 ? 263 ASN A CB  1 
ATOM   419 C  CG  . ASN A 1 61 ? -13.021 11.423  -6.438  1.00 61.15 ? 263 ASN A CG  1 
ATOM   420 O  OD1 . ASN A 1 61 ? -12.497 11.104  -7.504  1.00 64.99 ? 263 ASN A OD1 1 
ATOM   421 N  ND2 . ASN A 1 61 ? -13.361 12.675  -6.153  1.00 64.63 ? 263 ASN A ND2 1 
ATOM   422 N  N   . ALA B 2 1  ? -3.944  -8.119  7.217   1.00 29.10 ? 1   ALA B N   1 
ATOM   423 C  CA  . ALA B 2 1  ? -3.553  -7.395  5.971   1.00 28.31 ? 1   ALA B CA  1 
ATOM   424 C  C   . ALA B 2 1  ? -2.162  -7.828  5.511   1.00 27.41 ? 1   ALA B C   1 
ATOM   425 O  O   . ALA B 2 1  ? -1.468  -8.552  6.218   1.00 29.81 ? 1   ALA B O   1 
ATOM   426 C  CB  . ALA B 2 1  ? -3.578  -5.891  6.215   1.00 26.49 ? 1   ALA B CB  1 
ATOM   427 N  N   . ARG B 2 2  ? -1.767  -7.394  4.317   1.00 25.49 ? 2   ARG B N   1 
ATOM   428 C  CA  . ARG B 2 2  ? -0.443  -7.733  3.780   1.00 23.55 ? 2   ARG B CA  1 
ATOM   429 C  C   . ARG B 2 2  ? 0.426   -6.484  3.867   1.00 23.98 ? 2   ARG B C   1 
ATOM   430 O  O   . ARG B 2 2  ? 0.144   -5.474  3.224   1.00 23.77 ? 2   ARG B O   1 
ATOM   431 C  CB  . ARG B 2 2  ? -0.526  -8.168  2.311   1.00 24.12 ? 2   ARG B CB  1 
ATOM   432 C  CG  . ARG B 2 2  ? -1.290  -9.453  2.052   1.00 24.15 ? 2   ARG B CG  1 
ATOM   433 C  CD  . ARG B 2 2  ? -1.064  -9.940  0.625   1.00 23.15 ? 2   ARG B CD  1 
ATOM   434 N  NE  . ARG B 2 2  ? -1.414  -8.924  -0.365  1.00 22.71 ? 2   ARG B NE  1 
ATOM   435 C  CZ  . ARG B 2 2  ? -0.539  -8.294  -1.146  1.00 22.17 ? 2   ARG B CZ  1 
ATOM   436 N  NH1 . ARG B 2 2  ? 0.757   -8.570  -1.063  1.00 20.29 ? 2   ARG B NH1 1 
ATOM   437 N  NH2 . ARG B 2 2  ? -0.962  -7.378  -2.009  1.00 20.56 ? 2   ARG B NH2 1 
ATOM   438 N  N   . THR B 2 3  ? 1.482   -6.554  4.662   1.00 21.34 ? 3   THR B N   1 
ATOM   439 C  CA  . THR B 2 3  ? 2.369   -5.416  4.803   1.00 22.24 ? 3   THR B CA  1 
ATOM   440 C  C   . THR B 2 3  ? 3.802   -5.924  4.803   1.00 23.49 ? 3   THR B C   1 
ATOM   441 O  O   . THR B 2 3  ? 4.057   -7.114  5.011   1.00 23.09 ? 3   THR B O   1 
ATOM   442 C  CB  . THR B 2 3  ? 2.123   -4.666  6.126   1.00 22.64 ? 3   THR B CB  1 
ATOM   443 O  OG1 . THR B 2 3  ? 2.530   -5.493  7.219   1.00 23.52 ? 3   THR B OG1 1 
ATOM   444 C  CG2 . THR B 2 3  ? 0.656   -4.317  6.285   1.00 23.36 ? 3   THR B CG2 1 
HETATM 445 N  N   . M3L B 2 4  ? 4.740   -5.017  4.567   1.00 23.61 ? 4   M3L B N   1 
HETATM 446 C  CA  . M3L B 2 4  ? 6.141   -5.384  4.568   1.00 24.86 ? 4   M3L B CA  1 
HETATM 447 C  CB  . M3L B 2 4  ? 6.617   -5.877  3.198   1.00 24.90 ? 4   M3L B CB  1 
HETATM 448 C  CG  . M3L B 2 4  ? 6.691   -4.771  2.148   1.00 27.26 ? 4   M3L B CG  1 
HETATM 449 C  CD  . M3L B 2 4  ? 7.180   -5.253  0.789   1.00 29.39 ? 4   M3L B CD  1 
HETATM 450 C  CE  . M3L B 2 4  ? 6.917   -4.225  -0.320  1.00 30.53 ? 4   M3L B CE  1 
HETATM 451 N  NZ  . M3L B 2 4  ? 7.855   -4.341  -1.516  1.00 30.90 ? 4   M3L B NZ  1 
HETATM 452 C  C   . M3L B 2 4  ? 6.965   -4.183  5.002   1.00 26.24 ? 4   M3L B C   1 
HETATM 453 O  O   . M3L B 2 4  ? 6.547   -3.033  4.854   1.00 25.87 ? 4   M3L B O   1 
HETATM 454 C  CM1 . M3L B 2 4  ? 7.778   -5.695  -2.142  1.00 31.21 ? 4   M3L B CM1 1 
HETATM 455 C  CM2 . M3L B 2 4  ? 9.320   -4.151  -1.260  1.00 32.49 ? 4   M3L B CM2 1 
HETATM 456 C  CM3 . M3L B 2 4  ? 7.454   -3.344  -2.551  1.00 30.53 ? 4   M3L B CM3 1 
ATOM   457 N  N   . GLN B 2 5  ? 8.134   -4.472  5.554   1.00 26.82 ? 5   GLN B N   1 
ATOM   458 C  CA  . GLN B 2 5  ? 9.057   -3.445  5.999   1.00 27.39 ? 5   GLN B CA  1 
ATOM   459 C  C   . GLN B 2 5  ? 10.080  -3.303  4.885   1.00 25.33 ? 5   GLN B C   1 
ATOM   460 O  O   . GLN B 2 5  ? 10.634  -4.298  4.426   1.00 23.64 ? 5   GLN B O   1 
ATOM   461 C  CB  . GLN B 2 5  ? 9.763   -3.898  7.276   1.00 33.03 ? 5   GLN B CB  1 
ATOM   462 C  CG  . GLN B 2 5  ? 8.841   -4.222  8.431   1.00 43.48 ? 5   GLN B CG  1 
ATOM   463 C  CD  . GLN B 2 5  ? 8.514   -3.001  9.255   1.00 48.59 ? 5   GLN B CD  1 
ATOM   464 O  OE1 . GLN B 2 5  ? 8.022   -2.008  8.735   1.00 50.36 ? 5   GLN B OE1 1 
ATOM   465 N  NE2 . GLN B 2 5  ? 8.793   -3.068  10.552  1.00 51.59 ? 5   GLN B NE2 1 
ATOM   466 N  N   . THR B 2 6  ? 10.322  -2.078  4.439   1.00 23.23 ? 6   THR B N   1 
ATOM   467 C  CA  . THR B 2 6  ? 11.302  -1.856  3.380   1.00 22.24 ? 6   THR B CA  1 
ATOM   468 C  C   . THR B 2 6  ? 12.642  -2.407  3.873   1.00 22.94 ? 6   THR B C   1 
ATOM   469 O  O   . THR B 2 6  ? 13.034  -2.176  5.018   1.00 22.34 ? 6   THR B O   1 
ATOM   470 C  CB  . THR B 2 6  ? 11.439  -0.359  3.053   1.00 22.54 ? 6   THR B CB  1 
ATOM   471 O  OG1 . THR B 2 6  ? 10.179  0.141   2.593   1.00 24.54 ? 6   THR B OG1 1 
ATOM   472 C  CG2 . THR B 2 6  ? 12.495  -0.141  1.973   1.00 23.98 ? 6   THR B CG2 1 
ATOM   473 N  N   . ALA B 2 7  ? 13.331  -3.145  3.008   1.00 24.48 ? 7   ALA B N   1 
ATOM   474 C  CA  . ALA B 2 7  ? 14.613  -3.747  3.371   1.00 29.43 ? 7   ALA B CA  1 
ATOM   475 C  C   . ALA B 2 7  ? 15.593  -3.616  2.208   1.00 34.39 ? 7   ALA B C   1 
ATOM   476 O  O   . ALA B 2 7  ? 15.221  -3.799  1.052   1.00 33.04 ? 7   ALA B O   1 
ATOM   477 C  CB  . ALA B 2 7  ? 14.414  -5.216  3.725   1.00 27.21 ? 7   ALA B CB  1 
ATOM   478 N  N   . ARG B 2 8  ? 16.844  -3.306  2.542   1.00 44.04 ? 8   ARG B N   1 
ATOM   479 C  CA  . ARG B 2 8  ? 17.935  -3.148  1.567   1.00 52.27 ? 8   ARG B CA  1 
ATOM   480 C  C   . ARG B 2 8  ? 17.750  -1.836  0.805   1.00 55.02 ? 8   ARG B C   1 
ATOM   481 O  O   . ARG B 2 8  ? 18.667  -0.992  0.866   1.00 54.45 ? 8   ARG B O   1 
ATOM   482 C  CB  . ARG B 2 8  ? 17.954  -4.327  0.590   1.00 56.61 ? 8   ARG B CB  1 
ATOM   483 C  CG  . ARG B 2 8  ? 18.073  -5.679  1.272   1.00 68.29 ? 8   ARG B CG  1 
ATOM   484 C  CD  . ARG B 2 8  ? 17.906  -6.814  0.275   1.00 73.80 ? 8   ARG B CD  1 
ATOM   485 N  NE  . ARG B 2 8  ? 16.619  -6.745  -0.413  1.00 75.92 ? 8   ARG B NE  1 
ATOM   486 C  CZ  . ARG B 2 8  ? 16.205  -7.627  -1.318  1.00 76.58 ? 8   ARG B CZ  1 
ATOM   487 N  NH1 . ARG B 2 8  ? 16.974  -8.658  -1.650  1.00 76.48 ? 8   ARG B NH1 1 
ATOM   488 N  NH2 . ARG B 2 8  ? 15.019  -7.479  -1.895  1.00 76.39 ? 8   ARG B NH2 1 
HETATM 489 ZN ZN  . ZN  C 3 .  ? 3.276   6.785   -1.267  1.00 22.49 ? 300 ZN  A ZN  1 
HETATM 490 ZN ZN  . ZN  D 3 .  ? -5.886  -1.613  -5.120  1.00 18.95 ? 400 ZN  A ZN  1 
HETATM 491 O  O   . HOH E 4 .  ? -2.090  -7.034  -4.857  1.00 19.44 ? 2   HOH A O   1 
HETATM 492 O  O   . HOH E 4 .  ? -10.227 -8.002  -9.472  1.00 26.76 ? 3   HOH A O   1 
HETATM 493 O  O   . HOH E 4 .  ? 11.811  0.677   -4.386  1.00 23.76 ? 4   HOH A O   1 
HETATM 494 O  O   . HOH E 4 .  ? -10.154 -4.999  -10.196 1.00 27.41 ? 5   HOH A O   1 
HETATM 495 O  O   . HOH E 4 .  ? -4.803  -9.616  3.580   1.00 25.29 ? 6   HOH A O   1 
HETATM 496 O  O   . HOH E 4 .  ? -6.372  2.964   4.336   1.00 26.60 ? 7   HOH A O   1 
HETATM 497 O  O   . HOH E 4 .  ? 5.973   3.721   3.940   1.00 22.67 ? 8   HOH A O   1 
HETATM 498 O  O   . HOH E 4 .  ? -1.737  -6.712  -7.794  1.00 31.93 ? 9   HOH A O   1 
HETATM 499 O  O   . HOH E 4 .  ? 5.458   9.888   3.663   1.00 25.71 ? 10  HOH A O   1 
HETATM 500 O  O   . HOH E 4 .  ? 5.689   9.463   -0.779  1.00 46.97 ? 11  HOH A O   1 
HETATM 501 O  O   . HOH E 4 .  ? -3.708  -5.847  2.735   1.00 30.92 ? 12  HOH A O   1 
HETATM 502 O  O   . HOH E 4 .  ? -12.477 4.309   -6.865  1.00 30.54 ? 14  HOH A O   1 
HETATM 503 O  O   . HOH E 4 .  ? -5.258  4.037   -5.141  1.00 33.97 ? 15  HOH A O   1 
HETATM 504 O  O   . HOH E 4 .  ? -3.680  2.737   11.409  1.00 31.05 ? 16  HOH A O   1 
HETATM 505 O  O   . HOH E 4 .  ? -9.897  -1.305  2.901   1.00 31.79 ? 17  HOH A O   1 
HETATM 506 O  O   . HOH E 4 .  ? 6.987   -0.785  -9.626  1.00 32.97 ? 19  HOH A O   1 
HETATM 507 O  O   . HOH E 4 .  ? 4.910   3.391   9.970   1.00 39.91 ? 20  HOH A O   1 
HETATM 508 O  O   . HOH E 4 .  ? 11.364  8.094   -4.587  1.00 33.30 ? 21  HOH A O   1 
HETATM 509 O  O   . HOH E 4 .  ? 4.278   -4.760  -7.224  1.00 38.15 ? 22  HOH A O   1 
HETATM 510 O  O   . HOH E 4 .  ? 14.425  1.617   -0.833  1.00 50.68 ? 23  HOH A O   1 
HETATM 511 O  O   . HOH E 4 .  ? -5.076  8.229   0.495   1.00 40.17 ? 24  HOH A O   1 
HETATM 512 O  O   . HOH E 4 .  ? 2.959   2.867   -8.732  1.00 42.74 ? 26  HOH A O   1 
HETATM 513 O  O   . HOH E 4 .  ? -9.467  -10.202 -1.180  1.00 43.65 ? 28  HOH A O   1 
HETATM 514 O  O   . HOH E 4 .  ? -11.983 6.568   -9.100  1.00 44.08 ? 29  HOH A O   1 
HETATM 515 O  O   . HOH E 4 .  ? -4.649  -10.606 -2.744  1.00 38.79 ? 30  HOH A O   1 
HETATM 516 O  O   . HOH E 4 .  ? 13.152  5.529   -8.897  1.00 45.23 ? 31  HOH A O   1 
HETATM 517 O  O   . HOH E 4 .  ? -3.262  11.609  5.683   1.00 45.36 ? 32  HOH A O   1 
HETATM 518 O  O   . HOH F 4 .  ? -2.105  -9.804  8.341   1.00 46.47 ? 13  HOH B O   1 
HETATM 519 O  O   . HOH F 4 .  ? 12.024  -3.788  0.587   1.00 25.22 ? 14  HOH B O   1 
HETATM 520 O  O   . HOH F 4 .  ? 2.504   -9.960  0.656   1.00 41.84 ? 15  HOH B O   1 
HETATM 521 O  O   . HOH F 4 .  ? 9.876   -0.082  8.478   1.00 50.48 ? 16  HOH B O   1 
HETATM 522 O  O   . HOH F 4 .  ? 12.291  0.072   6.505   1.00 30.13 ? 17  HOH B O   1 
# 
loop_
_pdbx_poly_seq_scheme.asym_id 
_pdbx_poly_seq_scheme.entity_id 
_pdbx_poly_seq_scheme.seq_id 
_pdbx_poly_seq_scheme.mon_id 
_pdbx_poly_seq_scheme.ndb_seq_num 
_pdbx_poly_seq_scheme.pdb_seq_num 
_pdbx_poly_seq_scheme.auth_seq_num 
_pdbx_poly_seq_scheme.pdb_mon_id 
_pdbx_poly_seq_scheme.auth_mon_id 
_pdbx_poly_seq_scheme.pdb_strand_id 
_pdbx_poly_seq_scheme.pdb_ins_code 
_pdbx_poly_seq_scheme.hetero 
A 1 1  GLY 1  203 ?   ?   ?   A . n 
A 1 2  SER 2  204 ?   ?   ?   A . n 
A 1 3  GLU 3  205 ?   ?   ?   A . n 
A 1 4  PHE 4  206 ?   ?   ?   A . n 
A 1 5  ALA 5  207 ?   ?   ?   A . n 
A 1 6  ILE 6  208 ?   ?   ?   A . n 
A 1 7  ASP 7  209 ?   ?   ?   A . n 
A 1 8  PRO 8  210 ?   ?   ?   A . n 
A 1 9  ASN 9  211 ?   ?   ?   A . n 
A 1 10 GLU 10 212 212 GLU GLU A . n 
A 1 11 PRO 11 213 213 PRO PRO A . n 
A 1 12 THR 12 214 214 THR THR A . n 
A 1 13 TYR 13 215 215 TYR TYR A . n 
A 1 14 CYS 14 216 216 CYS CYS A . n 
A 1 15 LEU 15 217 217 LEU LEU A . n 
A 1 16 CYS 16 218 218 CYS CYS A . n 
A 1 17 ASN 17 219 219 ASN ASN A . n 
A 1 18 GLN 18 220 220 GLN GLN A . n 
A 1 19 VAL 19 221 221 VAL VAL A . n 
A 1 20 SER 20 222 222 SER SER A . n 
A 1 21 TYR 21 223 223 TYR TYR A . n 
A 1 22 GLY 22 224 224 GLY GLY A . n 
A 1 23 GLU 23 225 225 GLU GLU A . n 
A 1 24 MET 24 226 226 MET MET A . n 
A 1 25 ILE 25 227 227 ILE ILE A . n 
A 1 26 GLY 26 228 228 GLY GLY A . n 
A 1 27 CYS 27 229 229 CYS CYS A . n 
A 1 28 ASP 28 230 230 ASP ASP A . n 
A 1 29 ASN 29 231 231 ASN ASN A . n 
A 1 30 GLU 30 232 232 GLU GLU A . n 
A 1 31 GLN 31 233 233 GLN GLN A . n 
A 1 32 CYS 32 234 234 CYS CYS A . n 
A 1 33 PRO 33 235 235 PRO PRO A . n 
A 1 34 ILE 34 236 236 ILE ILE A . n 
A 1 35 GLU 35 237 237 GLU GLU A . n 
A 1 36 TRP 36 238 238 TRP TRP A . n 
A 1 37 PHE 37 239 239 PHE PHE A . n 
A 1 38 HIS 38 240 240 HIS HIS A . n 
A 1 39 PHE 39 241 241 PHE PHE A . n 
A 1 40 SER 40 242 242 SER SER A . n 
A 1 41 CYS 41 243 243 CYS CYS A . n 
A 1 42 VAL 42 244 244 VAL VAL A . n 
A 1 43 SER 43 245 245 SER SER A . n 
A 1 44 LEU 44 246 246 LEU LEU A . n 
A 1 45 THR 45 247 247 THR THR A . n 
A 1 46 TYR 46 248 248 TYR TYR A . n 
A 1 47 LYS 47 249 249 LYS LYS A . n 
A 1 48 PRO 48 250 250 PRO PRO A . n 
A 1 49 LYS 49 251 251 LYS LYS A . n 
A 1 50 GLY 50 252 252 GLY GLY A . n 
A 1 51 LYS 51 253 253 LYS LYS A . n 
A 1 52 TRP 52 254 254 TRP TRP A . n 
A 1 53 TYR 53 255 255 TYR TYR A . n 
A 1 54 CYS 54 256 256 CYS CYS A . n 
A 1 55 PRO 55 257 257 PRO PRO A . n 
A 1 56 LYS 56 258 258 LYS LYS A . n 
A 1 57 CYS 57 259 259 CYS CYS A . n 
A 1 58 ARG 58 260 260 ARG ARG A . n 
A 1 59 GLY 59 261 261 GLY GLY A . n 
A 1 60 ASP 60 262 262 ASP ASP A . n 
A 1 61 ASN 61 263 263 ASN ASN A . n 
A 1 62 GLU 62 264 ?   ?   ?   A . n 
B 2 1  ALA 1  1   1   ALA ALA B . n 
B 2 2  ARG 2  2   2   ARG ARG B . n 
B 2 3  THR 3  3   3   THR THR B . n 
B 2 4  M3L 4  4   4   M3L M3L B . n 
B 2 5  GLN 5  5   5   GLN GLN B . n 
B 2 6  THR 6  6   6   THR THR B . n 
B 2 7  ALA 7  7   7   ALA ALA B . n 
B 2 8  ARG 8  8   8   ARG ARG B . n 
B 2 9  LYS 9  9   ?   ?   ?   B . n 
B 2 10 SER 10 10  ?   ?   ?   B . n 
B 2 11 THR 11 11  ?   ?   ?   B . n 
B 2 12 GLY 12 12  ?   ?   ?   B . n 
# 
loop_
_pdbx_nonpoly_scheme.asym_id 
_pdbx_nonpoly_scheme.entity_id 
_pdbx_nonpoly_scheme.mon_id 
_pdbx_nonpoly_scheme.ndb_seq_num 
_pdbx_nonpoly_scheme.pdb_seq_num 
_pdbx_nonpoly_scheme.auth_seq_num 
_pdbx_nonpoly_scheme.pdb_mon_id 
_pdbx_nonpoly_scheme.auth_mon_id 
_pdbx_nonpoly_scheme.pdb_strand_id 
_pdbx_nonpoly_scheme.pdb_ins_code 
C 3 ZN  1  300 300 ZN  ZN  A . 
D 3 ZN  1  400 400 ZN  ZN  A . 
E 4 HOH 1  2   2   HOH HOH A . 
E 4 HOH 2  3   3   HOH HOH A . 
E 4 HOH 3  4   4   HOH HOH A . 
E 4 HOH 4  5   5   HOH HOH A . 
E 4 HOH 5  6   6   HOH HOH A . 
E 4 HOH 6  7   7   HOH HOH A . 
E 4 HOH 7  8   8   HOH HOH A . 
E 4 HOH 8  9   9   HOH HOH A . 
E 4 HOH 9  10  10  HOH HOH A . 
E 4 HOH 10 11  11  HOH HOH A . 
E 4 HOH 11 12  12  HOH HOH A . 
E 4 HOH 12 14  14  HOH HOH A . 
E 4 HOH 13 15  15  HOH HOH A . 
E 4 HOH 14 16  16  HOH HOH A . 
E 4 HOH 15 17  17  HOH HOH A . 
E 4 HOH 16 19  19  HOH HOH A . 
E 4 HOH 17 20  20  HOH HOH A . 
E 4 HOH 18 21  21  HOH HOH A . 
E 4 HOH 19 22  22  HOH HOH A . 
E 4 HOH 20 23  23  HOH HOH A . 
E 4 HOH 21 24  24  HOH HOH A . 
E 4 HOH 22 26  26  HOH HOH A . 
E 4 HOH 23 28  28  HOH HOH A . 
E 4 HOH 24 29  29  HOH HOH A . 
E 4 HOH 25 30  30  HOH HOH A . 
E 4 HOH 26 31  31  HOH HOH A . 
E 4 HOH 27 32  32  HOH HOH A . 
F 4 HOH 1  13  1   HOH HOH B . 
F 4 HOH 2  14  13  HOH HOH B . 
F 4 HOH 3  15  18  HOH HOH B . 
F 4 HOH 4  16  25  HOH HOH B . 
F 4 HOH 5  17  27  HOH HOH B . 
# 
_pdbx_struct_mod_residue.id               1 
_pdbx_struct_mod_residue.label_asym_id    B 
_pdbx_struct_mod_residue.label_comp_id    M3L 
_pdbx_struct_mod_residue.label_seq_id     4 
_pdbx_struct_mod_residue.auth_asym_id     B 
_pdbx_struct_mod_residue.auth_comp_id     M3L 
_pdbx_struct_mod_residue.auth_seq_id      4 
_pdbx_struct_mod_residue.PDB_ins_code     ? 
_pdbx_struct_mod_residue.parent_comp_id   LYS 
_pdbx_struct_mod_residue.details          N-TRIMETHYLLYSINE 
# 
_pdbx_struct_assembly.id                   1 
_pdbx_struct_assembly.details              author_defined_assembly 
_pdbx_struct_assembly.method_details       ? 
_pdbx_struct_assembly.oligomeric_details   dimeric 
_pdbx_struct_assembly.oligomeric_count     2 
# 
_pdbx_struct_assembly_gen.assembly_id       1 
_pdbx_struct_assembly_gen.oper_expression   1 
_pdbx_struct_assembly_gen.asym_id_list      A,B,C,D,E,F 
# 
_pdbx_struct_oper_list.id                   1 
_pdbx_struct_oper_list.type                 'identity operation' 
_pdbx_struct_oper_list.name                 1_555 
_pdbx_struct_oper_list.symmetry_operation   x,y,z 
_pdbx_struct_oper_list.matrix[1][1]         1.0000000000 
_pdbx_struct_oper_list.matrix[1][2]         0.0000000000 
_pdbx_struct_oper_list.matrix[1][3]         0.0000000000 
_pdbx_struct_oper_list.vector[1]            0.0000000000 
_pdbx_struct_oper_list.matrix[2][1]         0.0000000000 
_pdbx_struct_oper_list.matrix[2][2]         1.0000000000 
_pdbx_struct_oper_list.matrix[2][3]         0.0000000000 
_pdbx_struct_oper_list.vector[2]            0.0000000000 
_pdbx_struct_oper_list.matrix[3][1]         0.0000000000 
_pdbx_struct_oper_list.matrix[3][2]         0.0000000000 
_pdbx_struct_oper_list.matrix[3][3]         1.0000000000 
_pdbx_struct_oper_list.vector[3]            0.0000000000 
# 
loop_
_pdbx_struct_conn_angle.id 
_pdbx_struct_conn_angle.ptnr1_label_atom_id 
_pdbx_struct_conn_angle.ptnr1_label_alt_id 
_pdbx_struct_conn_angle.ptnr1_label_asym_id 
_pdbx_struct_conn_angle.ptnr1_label_comp_id 
_pdbx_struct_conn_angle.ptnr1_label_seq_id 
_pdbx_struct_conn_angle.ptnr1_auth_atom_id 
_pdbx_struct_conn_angle.ptnr1_auth_asym_id 
_pdbx_struct_conn_angle.ptnr1_auth_comp_id 
_pdbx_struct_conn_angle.ptnr1_auth_seq_id 
_pdbx_struct_conn_angle.ptnr1_PDB_ins_code 
_pdbx_struct_conn_angle.ptnr1_symmetry 
_pdbx_struct_conn_angle.ptnr2_label_atom_id 
_pdbx_struct_conn_angle.ptnr2_label_alt_id 
_pdbx_struct_conn_angle.ptnr2_label_asym_id 
_pdbx_struct_conn_angle.ptnr2_label_comp_id 
_pdbx_struct_conn_angle.ptnr2_label_seq_id 
_pdbx_struct_conn_angle.ptnr2_auth_atom_id 
_pdbx_struct_conn_angle.ptnr2_auth_asym_id 
_pdbx_struct_conn_angle.ptnr2_auth_comp_id 
_pdbx_struct_conn_angle.ptnr2_auth_seq_id 
_pdbx_struct_conn_angle.ptnr2_PDB_ins_code 
_pdbx_struct_conn_angle.ptnr2_symmetry 
_pdbx_struct_conn_angle.ptnr3_label_atom_id 
_pdbx_struct_conn_angle.ptnr3_label_alt_id 
_pdbx_struct_conn_angle.ptnr3_label_asym_id 
_pdbx_struct_conn_angle.ptnr3_label_comp_id 
_pdbx_struct_conn_angle.ptnr3_label_seq_id 
_pdbx_struct_conn_angle.ptnr3_auth_atom_id 
_pdbx_struct_conn_angle.ptnr3_auth_asym_id 
_pdbx_struct_conn_angle.ptnr3_auth_comp_id 
_pdbx_struct_conn_angle.ptnr3_auth_seq_id 
_pdbx_struct_conn_angle.ptnr3_PDB_ins_code 
_pdbx_struct_conn_angle.ptnr3_symmetry 
_pdbx_struct_conn_angle.value 
_pdbx_struct_conn_angle.value_esd 
1  SG  ? A CYS 14 ? A CYS 216 ? 1_555 ZN ? C ZN . ? A ZN 300 ? 1_555 SG  ? A CYS 16 ? A CYS 218 ? 1_555 116.4 ? 
2  SG  ? A CYS 14 ? A CYS 216 ? 1_555 ZN ? C ZN . ? A ZN 300 ? 1_555 ND1 ? A HIS 38 ? A HIS 240 ? 1_555 100.2 ? 
3  SG  ? A CYS 16 ? A CYS 218 ? 1_555 ZN ? C ZN . ? A ZN 300 ? 1_555 ND1 ? A HIS 38 ? A HIS 240 ? 1_555 98.8  ? 
4  SG  ? A CYS 14 ? A CYS 216 ? 1_555 ZN ? C ZN . ? A ZN 300 ? 1_555 SG  ? A CYS 41 ? A CYS 243 ? 1_555 103.6 ? 
5  SG  ? A CYS 16 ? A CYS 218 ? 1_555 ZN ? C ZN . ? A ZN 300 ? 1_555 SG  ? A CYS 41 ? A CYS 243 ? 1_555 118.7 ? 
6  ND1 ? A HIS 38 ? A HIS 240 ? 1_555 ZN ? C ZN . ? A ZN 300 ? 1_555 SG  ? A CYS 41 ? A CYS 243 ? 1_555 118.3 ? 
7  SG  ? A CYS 27 ? A CYS 229 ? 1_555 ZN ? D ZN . ? A ZN 400 ? 1_555 SG  ? A CYS 32 ? A CYS 234 ? 1_555 111.6 ? 
8  SG  ? A CYS 27 ? A CYS 229 ? 1_555 ZN ? D ZN . ? A ZN 400 ? 1_555 SG  ? A CYS 54 ? A CYS 256 ? 1_555 113.3 ? 
9  SG  ? A CYS 32 ? A CYS 234 ? 1_555 ZN ? D ZN . ? A ZN 400 ? 1_555 SG  ? A CYS 54 ? A CYS 256 ? 1_555 110.8 ? 
10 SG  ? A CYS 27 ? A CYS 229 ? 1_555 ZN ? D ZN . ? A ZN 400 ? 1_555 SG  ? A CYS 57 ? A CYS 259 ? 1_555 105.5 ? 
11 SG  ? A CYS 32 ? A CYS 234 ? 1_555 ZN ? D ZN . ? A ZN 400 ? 1_555 SG  ? A CYS 57 ? A CYS 259 ? 1_555 111.8 ? 
12 SG  ? A CYS 54 ? A CYS 256 ? 1_555 ZN ? D ZN . ? A ZN 400 ? 1_555 SG  ? A CYS 57 ? A CYS 259 ? 1_555 103.4 ? 
# 
loop_
_pdbx_audit_revision_history.ordinal 
_pdbx_audit_revision_history.data_content_type 
_pdbx_audit_revision_history.major_revision 
_pdbx_audit_revision_history.minor_revision 
_pdbx_audit_revision_history.revision_date 
1 'Structure model' 1 0 2006-07-11 
2 'Structure model' 1 1 2008-05-01 
3 'Structure model' 1 2 2011-07-13 
4 'Structure model' 1 3 2013-07-24 
5 'Structure model' 1 4 2023-08-30 
# 
_pdbx_audit_revision_details.ordinal             1 
_pdbx_audit_revision_details.revision_ordinal    1 
_pdbx_audit_revision_details.data_content_type   'Structure model' 
_pdbx_audit_revision_details.provider            repository 
_pdbx_audit_revision_details.type                'Initial release' 
_pdbx_audit_revision_details.description         ? 
_pdbx_audit_revision_details.details             ? 
# 
loop_
_pdbx_audit_revision_group.ordinal 
_pdbx_audit_revision_group.revision_ordinal 
_pdbx_audit_revision_group.data_content_type 
_pdbx_audit_revision_group.group 
1 2 'Structure model' 'Version format compliance' 
2 3 'Structure model' 'Version format compliance' 
3 4 'Structure model' 'Structure summary'         
4 5 'Structure model' 'Data collection'           
5 5 'Structure model' 'Database references'       
6 5 'Structure model' 'Derived calculations'      
7 5 'Structure model' 'Refinement description'    
# 
loop_
_pdbx_audit_revision_category.ordinal 
_pdbx_audit_revision_category.revision_ordinal 
_pdbx_audit_revision_category.data_content_type 
_pdbx_audit_revision_category.category 
1 5 'Structure model' chem_comp_atom                
2 5 'Structure model' chem_comp_bond                
3 5 'Structure model' database_2                    
4 5 'Structure model' pdbx_initial_refinement_model 
5 5 'Structure model' pdbx_struct_conn_angle        
6 5 'Structure model' struct_conn                   
7 5 'Structure model' struct_conn_type              
8 5 'Structure model' struct_ref_seq_dif            
9 5 'Structure model' struct_site                   
# 
loop_
_pdbx_audit_revision_item.ordinal 
_pdbx_audit_revision_item.revision_ordinal 
_pdbx_audit_revision_item.data_content_type 
_pdbx_audit_revision_item.item 
1  5 'Structure model' '_database_2.pdbx_DOI'                       
2  5 'Structure model' '_database_2.pdbx_database_accession'        
3  5 'Structure model' '_pdbx_struct_conn_angle.ptnr1_auth_seq_id'  
4  5 'Structure model' '_pdbx_struct_conn_angle.ptnr1_label_seq_id' 
5  5 'Structure model' '_pdbx_struct_conn_angle.ptnr3_auth_seq_id'  
6  5 'Structure model' '_pdbx_struct_conn_angle.ptnr3_label_seq_id' 
7  5 'Structure model' '_pdbx_struct_conn_angle.value'              
8  5 'Structure model' '_struct_conn.conn_type_id'                  
9  5 'Structure model' '_struct_conn.id'                            
10 5 'Structure model' '_struct_conn.pdbx_dist_value'               
11 5 'Structure model' '_struct_conn.pdbx_leaving_atom_flag'        
12 5 'Structure model' '_struct_conn.ptnr1_auth_asym_id'            
13 5 'Structure model' '_struct_conn.ptnr1_auth_comp_id'            
14 5 'Structure model' '_struct_conn.ptnr1_auth_seq_id'             
15 5 'Structure model' '_struct_conn.ptnr1_label_asym_id'           
16 5 'Structure model' '_struct_conn.ptnr1_label_atom_id'           
17 5 'Structure model' '_struct_conn.ptnr1_label_comp_id'           
18 5 'Structure model' '_struct_conn.ptnr1_label_seq_id'            
19 5 'Structure model' '_struct_conn.ptnr2_auth_asym_id'            
20 5 'Structure model' '_struct_conn.ptnr2_auth_comp_id'            
21 5 'Structure model' '_struct_conn.ptnr2_auth_seq_id'             
22 5 'Structure model' '_struct_conn.ptnr2_label_asym_id'           
23 5 'Structure model' '_struct_conn.ptnr2_label_atom_id'           
24 5 'Structure model' '_struct_conn.ptnr2_label_comp_id'           
25 5 'Structure model' '_struct_conn.ptnr2_label_seq_id'            
26 5 'Structure model' '_struct_conn_type.id'                       
27 5 'Structure model' '_struct_ref_seq_dif.details'                
28 5 'Structure model' '_struct_site.pdbx_auth_asym_id'             
29 5 'Structure model' '_struct_site.pdbx_auth_comp_id'             
30 5 'Structure model' '_struct_site.pdbx_auth_seq_id'              
# 
loop_
_software.name 
_software.classification 
_software.version 
_software.citation_id 
_software.pdbx_ordinal 
HKL-2000  'data collection' .   ? 1 
SCALEPACK 'data scaling'    .   ? 2 
MOLREP    phasing           .   ? 3 
CNS       refinement        1.1 ? 4 
HKL-2000  'data reduction'  .   ? 5 
# 
loop_
_pdbx_validate_torsion.id 
_pdbx_validate_torsion.PDB_model_num 
_pdbx_validate_torsion.auth_comp_id 
_pdbx_validate_torsion.auth_asym_id 
_pdbx_validate_torsion.auth_seq_id 
_pdbx_validate_torsion.PDB_ins_code 
_pdbx_validate_torsion.label_alt_id 
_pdbx_validate_torsion.phi 
_pdbx_validate_torsion.psi 
1 1 CYS A 216 ? ? 63.33 -172.38 
2 1 GLU A 237 ? ? 76.74 -64.47  
# 
loop_
_pdbx_unobs_or_zero_occ_residues.id 
_pdbx_unobs_or_zero_occ_residues.PDB_model_num 
_pdbx_unobs_or_zero_occ_residues.polymer_flag 
_pdbx_unobs_or_zero_occ_residues.occupancy_flag 
_pdbx_unobs_or_zero_occ_residues.auth_asym_id 
_pdbx_unobs_or_zero_occ_residues.auth_comp_id 
_pdbx_unobs_or_zero_occ_residues.auth_seq_id 
_pdbx_unobs_or_zero_occ_residues.PDB_ins_code 
_pdbx_unobs_or_zero_occ_residues.label_asym_id 
_pdbx_unobs_or_zero_occ_residues.label_comp_id 
_pdbx_unobs_or_zero_occ_residues.label_seq_id 
1  1 Y 1 A GLY 203 ? A GLY 1  
2  1 Y 1 A SER 204 ? A SER 2  
3  1 Y 1 A GLU 205 ? A GLU 3  
4  1 Y 1 A PHE 206 ? A PHE 4  
5  1 Y 1 A ALA 207 ? A ALA 5  
6  1 Y 1 A ILE 208 ? A ILE 6  
7  1 Y 1 A ASP 209 ? A ASP 7  
8  1 Y 1 A PRO 210 ? A PRO 8  
9  1 Y 1 A ASN 211 ? A ASN 9  
10 1 Y 1 A GLU 264 ? A GLU 62 
11 1 Y 1 B LYS 9   ? B LYS 9  
12 1 Y 1 B SER 10  ? B SER 10 
13 1 Y 1 B THR 11  ? B THR 11 
14 1 Y 1 B GLY 12  ? B GLY 12 
# 
loop_
_chem_comp_atom.comp_id 
_chem_comp_atom.atom_id 
_chem_comp_atom.type_symbol 
_chem_comp_atom.pdbx_aromatic_flag 
_chem_comp_atom.pdbx_stereo_config 
_chem_comp_atom.pdbx_ordinal 
ALA N    N  N N 1   
ALA CA   C  N S 2   
ALA C    C  N N 3   
ALA O    O  N N 4   
ALA CB   C  N N 5   
ALA OXT  O  N N 6   
ALA H    H  N N 7   
ALA H2   H  N N 8   
ALA HA   H  N N 9   
ALA HB1  H  N N 10  
ALA HB2  H  N N 11  
ALA HB3  H  N N 12  
ALA HXT  H  N N 13  
ARG N    N  N N 14  
ARG CA   C  N S 15  
ARG C    C  N N 16  
ARG O    O  N N 17  
ARG CB   C  N N 18  
ARG CG   C  N N 19  
ARG CD   C  N N 20  
ARG NE   N  N N 21  
ARG CZ   C  N N 22  
ARG NH1  N  N N 23  
ARG NH2  N  N N 24  
ARG OXT  O  N N 25  
ARG H    H  N N 26  
ARG H2   H  N N 27  
ARG HA   H  N N 28  
ARG HB2  H  N N 29  
ARG HB3  H  N N 30  
ARG HG2  H  N N 31  
ARG HG3  H  N N 32  
ARG HD2  H  N N 33  
ARG HD3  H  N N 34  
ARG HE   H  N N 35  
ARG HH11 H  N N 36  
ARG HH12 H  N N 37  
ARG HH21 H  N N 38  
ARG HH22 H  N N 39  
ARG HXT  H  N N 40  
ASN N    N  N N 41  
ASN CA   C  N S 42  
ASN C    C  N N 43  
ASN O    O  N N 44  
ASN CB   C  N N 45  
ASN CG   C  N N 46  
ASN OD1  O  N N 47  
ASN ND2  N  N N 48  
ASN OXT  O  N N 49  
ASN H    H  N N 50  
ASN H2   H  N N 51  
ASN HA   H  N N 52  
ASN HB2  H  N N 53  
ASN HB3  H  N N 54  
ASN HD21 H  N N 55  
ASN HD22 H  N N 56  
ASN HXT  H  N N 57  
ASP N    N  N N 58  
ASP CA   C  N S 59  
ASP C    C  N N 60  
ASP O    O  N N 61  
ASP CB   C  N N 62  
ASP CG   C  N N 63  
ASP OD1  O  N N 64  
ASP OD2  O  N N 65  
ASP OXT  O  N N 66  
ASP H    H  N N 67  
ASP H2   H  N N 68  
ASP HA   H  N N 69  
ASP HB2  H  N N 70  
ASP HB3  H  N N 71  
ASP HD2  H  N N 72  
ASP HXT  H  N N 73  
CYS N    N  N N 74  
CYS CA   C  N R 75  
CYS C    C  N N 76  
CYS O    O  N N 77  
CYS CB   C  N N 78  
CYS SG   S  N N 79  
CYS OXT  O  N N 80  
CYS H    H  N N 81  
CYS H2   H  N N 82  
CYS HA   H  N N 83  
CYS HB2  H  N N 84  
CYS HB3  H  N N 85  
CYS HG   H  N N 86  
CYS HXT  H  N N 87  
GLN N    N  N N 88  
GLN CA   C  N S 89  
GLN C    C  N N 90  
GLN O    O  N N 91  
GLN CB   C  N N 92  
GLN CG   C  N N 93  
GLN CD   C  N N 94  
GLN OE1  O  N N 95  
GLN NE2  N  N N 96  
GLN OXT  O  N N 97  
GLN H    H  N N 98  
GLN H2   H  N N 99  
GLN HA   H  N N 100 
GLN HB2  H  N N 101 
GLN HB3  H  N N 102 
GLN HG2  H  N N 103 
GLN HG3  H  N N 104 
GLN HE21 H  N N 105 
GLN HE22 H  N N 106 
GLN HXT  H  N N 107 
GLU N    N  N N 108 
GLU CA   C  N S 109 
GLU C    C  N N 110 
GLU O    O  N N 111 
GLU CB   C  N N 112 
GLU CG   C  N N 113 
GLU CD   C  N N 114 
GLU OE1  O  N N 115 
GLU OE2  O  N N 116 
GLU OXT  O  N N 117 
GLU H    H  N N 118 
GLU H2   H  N N 119 
GLU HA   H  N N 120 
GLU HB2  H  N N 121 
GLU HB3  H  N N 122 
GLU HG2  H  N N 123 
GLU HG3  H  N N 124 
GLU HE2  H  N N 125 
GLU HXT  H  N N 126 
GLY N    N  N N 127 
GLY CA   C  N N 128 
GLY C    C  N N 129 
GLY O    O  N N 130 
GLY OXT  O  N N 131 
GLY H    H  N N 132 
GLY H2   H  N N 133 
GLY HA2  H  N N 134 
GLY HA3  H  N N 135 
GLY HXT  H  N N 136 
HIS N    N  N N 137 
HIS CA   C  N S 138 
HIS C    C  N N 139 
HIS O    O  N N 140 
HIS CB   C  N N 141 
HIS CG   C  Y N 142 
HIS ND1  N  Y N 143 
HIS CD2  C  Y N 144 
HIS CE1  C  Y N 145 
HIS NE2  N  Y N 146 
HIS OXT  O  N N 147 
HIS H    H  N N 148 
HIS H2   H  N N 149 
HIS HA   H  N N 150 
HIS HB2  H  N N 151 
HIS HB3  H  N N 152 
HIS HD1  H  N N 153 
HIS HD2  H  N N 154 
HIS HE1  H  N N 155 
HIS HE2  H  N N 156 
HIS HXT  H  N N 157 
HOH O    O  N N 158 
HOH H1   H  N N 159 
HOH H2   H  N N 160 
ILE N    N  N N 161 
ILE CA   C  N S 162 
ILE C    C  N N 163 
ILE O    O  N N 164 
ILE CB   C  N S 165 
ILE CG1  C  N N 166 
ILE CG2  C  N N 167 
ILE CD1  C  N N 168 
ILE OXT  O  N N 169 
ILE H    H  N N 170 
ILE H2   H  N N 171 
ILE HA   H  N N 172 
ILE HB   H  N N 173 
ILE HG12 H  N N 174 
ILE HG13 H  N N 175 
ILE HG21 H  N N 176 
ILE HG22 H  N N 177 
ILE HG23 H  N N 178 
ILE HD11 H  N N 179 
ILE HD12 H  N N 180 
ILE HD13 H  N N 181 
ILE HXT  H  N N 182 
LEU N    N  N N 183 
LEU CA   C  N S 184 
LEU C    C  N N 185 
LEU O    O  N N 186 
LEU CB   C  N N 187 
LEU CG   C  N N 188 
LEU CD1  C  N N 189 
LEU CD2  C  N N 190 
LEU OXT  O  N N 191 
LEU H    H  N N 192 
LEU H2   H  N N 193 
LEU HA   H  N N 194 
LEU HB2  H  N N 195 
LEU HB3  H  N N 196 
LEU HG   H  N N 197 
LEU HD11 H  N N 198 
LEU HD12 H  N N 199 
LEU HD13 H  N N 200 
LEU HD21 H  N N 201 
LEU HD22 H  N N 202 
LEU HD23 H  N N 203 
LEU HXT  H  N N 204 
LYS N    N  N N 205 
LYS CA   C  N S 206 
LYS C    C  N N 207 
LYS O    O  N N 208 
LYS CB   C  N N 209 
LYS CG   C  N N 210 
LYS CD   C  N N 211 
LYS CE   C  N N 212 
LYS NZ   N  N N 213 
LYS OXT  O  N N 214 
LYS H    H  N N 215 
LYS H2   H  N N 216 
LYS HA   H  N N 217 
LYS HB2  H  N N 218 
LYS HB3  H  N N 219 
LYS HG2  H  N N 220 
LYS HG3  H  N N 221 
LYS HD2  H  N N 222 
LYS HD3  H  N N 223 
LYS HE2  H  N N 224 
LYS HE3  H  N N 225 
LYS HZ1  H  N N 226 
LYS HZ2  H  N N 227 
LYS HZ3  H  N N 228 
LYS HXT  H  N N 229 
M3L N    N  N N 230 
M3L CA   C  N S 231 
M3L CB   C  N N 232 
M3L CG   C  N N 233 
M3L CD   C  N N 234 
M3L CE   C  N N 235 
M3L NZ   N  N N 236 
M3L C    C  N N 237 
M3L O    O  N N 238 
M3L OXT  O  N N 239 
M3L CM1  C  N N 240 
M3L CM2  C  N N 241 
M3L CM3  C  N N 242 
M3L H    H  N N 243 
M3L H2   H  N N 244 
M3L HA   H  N N 245 
M3L HB2  H  N N 246 
M3L HB3  H  N N 247 
M3L HG2  H  N N 248 
M3L HG3  H  N N 249 
M3L HD2  H  N N 250 
M3L HD3  H  N N 251 
M3L HE2  H  N N 252 
M3L HE3  H  N N 253 
M3L HXT  H  N N 254 
M3L HM11 H  N N 255 
M3L HM12 H  N N 256 
M3L HM13 H  N N 257 
M3L HM21 H  N N 258 
M3L HM22 H  N N 259 
M3L HM23 H  N N 260 
M3L HM31 H  N N 261 
M3L HM32 H  N N 262 
M3L HM33 H  N N 263 
MET N    N  N N 264 
MET CA   C  N S 265 
MET C    C  N N 266 
MET O    O  N N 267 
MET CB   C  N N 268 
MET CG   C  N N 269 
MET SD   S  N N 270 
MET CE   C  N N 271 
MET OXT  O  N N 272 
MET H    H  N N 273 
MET H2   H  N N 274 
MET HA   H  N N 275 
MET HB2  H  N N 276 
MET HB3  H  N N 277 
MET HG2  H  N N 278 
MET HG3  H  N N 279 
MET HE1  H  N N 280 
MET HE2  H  N N 281 
MET HE3  H  N N 282 
MET HXT  H  N N 283 
PHE N    N  N N 284 
PHE CA   C  N S 285 
PHE C    C  N N 286 
PHE O    O  N N 287 
PHE CB   C  N N 288 
PHE CG   C  Y N 289 
PHE CD1  C  Y N 290 
PHE CD2  C  Y N 291 
PHE CE1  C  Y N 292 
PHE CE2  C  Y N 293 
PHE CZ   C  Y N 294 
PHE OXT  O  N N 295 
PHE H    H  N N 296 
PHE H2   H  N N 297 
PHE HA   H  N N 298 
PHE HB2  H  N N 299 
PHE HB3  H  N N 300 
PHE HD1  H  N N 301 
PHE HD2  H  N N 302 
PHE HE1  H  N N 303 
PHE HE2  H  N N 304 
PHE HZ   H  N N 305 
PHE HXT  H  N N 306 
PRO N    N  N N 307 
PRO CA   C  N S 308 
PRO C    C  N N 309 
PRO O    O  N N 310 
PRO CB   C  N N 311 
PRO CG   C  N N 312 
PRO CD   C  N N 313 
PRO OXT  O  N N 314 
PRO H    H  N N 315 
PRO HA   H  N N 316 
PRO HB2  H  N N 317 
PRO HB3  H  N N 318 
PRO HG2  H  N N 319 
PRO HG3  H  N N 320 
PRO HD2  H  N N 321 
PRO HD3  H  N N 322 
PRO HXT  H  N N 323 
SER N    N  N N 324 
SER CA   C  N S 325 
SER C    C  N N 326 
SER O    O  N N 327 
SER CB   C  N N 328 
SER OG   O  N N 329 
SER OXT  O  N N 330 
SER H    H  N N 331 
SER H2   H  N N 332 
SER HA   H  N N 333 
SER HB2  H  N N 334 
SER HB3  H  N N 335 
SER HG   H  N N 336 
SER HXT  H  N N 337 
THR N    N  N N 338 
THR CA   C  N S 339 
THR C    C  N N 340 
THR O    O  N N 341 
THR CB   C  N R 342 
THR OG1  O  N N 343 
THR CG2  C  N N 344 
THR OXT  O  N N 345 
THR H    H  N N 346 
THR H2   H  N N 347 
THR HA   H  N N 348 
THR HB   H  N N 349 
THR HG1  H  N N 350 
THR HG21 H  N N 351 
THR HG22 H  N N 352 
THR HG23 H  N N 353 
THR HXT  H  N N 354 
TRP N    N  N N 355 
TRP CA   C  N S 356 
TRP C    C  N N 357 
TRP O    O  N N 358 
TRP CB   C  N N 359 
TRP CG   C  Y N 360 
TRP CD1  C  Y N 361 
TRP CD2  C  Y N 362 
TRP NE1  N  Y N 363 
TRP CE2  C  Y N 364 
TRP CE3  C  Y N 365 
TRP CZ2  C  Y N 366 
TRP CZ3  C  Y N 367 
TRP CH2  C  Y N 368 
TRP OXT  O  N N 369 
TRP H    H  N N 370 
TRP H2   H  N N 371 
TRP HA   H  N N 372 
TRP HB2  H  N N 373 
TRP HB3  H  N N 374 
TRP HD1  H  N N 375 
TRP HE1  H  N N 376 
TRP HE3  H  N N 377 
TRP HZ2  H  N N 378 
TRP HZ3  H  N N 379 
TRP HH2  H  N N 380 
TRP HXT  H  N N 381 
TYR N    N  N N 382 
TYR CA   C  N S 383 
TYR C    C  N N 384 
TYR O    O  N N 385 
TYR CB   C  N N 386 
TYR CG   C  Y N 387 
TYR CD1  C  Y N 388 
TYR CD2  C  Y N 389 
TYR CE1  C  Y N 390 
TYR CE2  C  Y N 391 
TYR CZ   C  Y N 392 
TYR OH   O  N N 393 
TYR OXT  O  N N 394 
TYR H    H  N N 395 
TYR H2   H  N N 396 
TYR HA   H  N N 397 
TYR HB2  H  N N 398 
TYR HB3  H  N N 399 
TYR HD1  H  N N 400 
TYR HD2  H  N N 401 
TYR HE1  H  N N 402 
TYR HE2  H  N N 403 
TYR HH   H  N N 404 
TYR HXT  H  N N 405 
VAL N    N  N N 406 
VAL CA   C  N S 407 
VAL C    C  N N 408 
VAL O    O  N N 409 
VAL CB   C  N N 410 
VAL CG1  C  N N 411 
VAL CG2  C  N N 412 
VAL OXT  O  N N 413 
VAL H    H  N N 414 
VAL H2   H  N N 415 
VAL HA   H  N N 416 
VAL HB   H  N N 417 
VAL HG11 H  N N 418 
VAL HG12 H  N N 419 
VAL HG13 H  N N 420 
VAL HG21 H  N N 421 
VAL HG22 H  N N 422 
VAL HG23 H  N N 423 
VAL HXT  H  N N 424 
ZN  ZN   ZN N N 425 
# 
loop_
_chem_comp_bond.comp_id 
_chem_comp_bond.atom_id_1 
_chem_comp_bond.atom_id_2 
_chem_comp_bond.value_order 
_chem_comp_bond.pdbx_aromatic_flag 
_chem_comp_bond.pdbx_stereo_config 
_chem_comp_bond.pdbx_ordinal 
ALA N   CA   sing N N 1   
ALA N   H    sing N N 2   
ALA N   H2   sing N N 3   
ALA CA  C    sing N N 4   
ALA CA  CB   sing N N 5   
ALA CA  HA   sing N N 6   
ALA C   O    doub N N 7   
ALA C   OXT  sing N N 8   
ALA CB  HB1  sing N N 9   
ALA CB  HB2  sing N N 10  
ALA CB  HB3  sing N N 11  
ALA OXT HXT  sing N N 12  
ARG N   CA   sing N N 13  
ARG N   H    sing N N 14  
ARG N   H2   sing N N 15  
ARG CA  C    sing N N 16  
ARG CA  CB   sing N N 17  
ARG CA  HA   sing N N 18  
ARG C   O    doub N N 19  
ARG C   OXT  sing N N 20  
ARG CB  CG   sing N N 21  
ARG CB  HB2  sing N N 22  
ARG CB  HB3  sing N N 23  
ARG CG  CD   sing N N 24  
ARG CG  HG2  sing N N 25  
ARG CG  HG3  sing N N 26  
ARG CD  NE   sing N N 27  
ARG CD  HD2  sing N N 28  
ARG CD  HD3  sing N N 29  
ARG NE  CZ   sing N N 30  
ARG NE  HE   sing N N 31  
ARG CZ  NH1  sing N N 32  
ARG CZ  NH2  doub N N 33  
ARG NH1 HH11 sing N N 34  
ARG NH1 HH12 sing N N 35  
ARG NH2 HH21 sing N N 36  
ARG NH2 HH22 sing N N 37  
ARG OXT HXT  sing N N 38  
ASN N   CA   sing N N 39  
ASN N   H    sing N N 40  
ASN N   H2   sing N N 41  
ASN CA  C    sing N N 42  
ASN CA  CB   sing N N 43  
ASN CA  HA   sing N N 44  
ASN C   O    doub N N 45  
ASN C   OXT  sing N N 46  
ASN CB  CG   sing N N 47  
ASN CB  HB2  sing N N 48  
ASN CB  HB3  sing N N 49  
ASN CG  OD1  doub N N 50  
ASN CG  ND2  sing N N 51  
ASN ND2 HD21 sing N N 52  
ASN ND2 HD22 sing N N 53  
ASN OXT HXT  sing N N 54  
ASP N   CA   sing N N 55  
ASP N   H    sing N N 56  
ASP N   H2   sing N N 57  
ASP CA  C    sing N N 58  
ASP CA  CB   sing N N 59  
ASP CA  HA   sing N N 60  
ASP C   O    doub N N 61  
ASP C   OXT  sing N N 62  
ASP CB  CG   sing N N 63  
ASP CB  HB2  sing N N 64  
ASP CB  HB3  sing N N 65  
ASP CG  OD1  doub N N 66  
ASP CG  OD2  sing N N 67  
ASP OD2 HD2  sing N N 68  
ASP OXT HXT  sing N N 69  
CYS N   CA   sing N N 70  
CYS N   H    sing N N 71  
CYS N   H2   sing N N 72  
CYS CA  C    sing N N 73  
CYS CA  CB   sing N N 74  
CYS CA  HA   sing N N 75  
CYS C   O    doub N N 76  
CYS C   OXT  sing N N 77  
CYS CB  SG   sing N N 78  
CYS CB  HB2  sing N N 79  
CYS CB  HB3  sing N N 80  
CYS SG  HG   sing N N 81  
CYS OXT HXT  sing N N 82  
GLN N   CA   sing N N 83  
GLN N   H    sing N N 84  
GLN N   H2   sing N N 85  
GLN CA  C    sing N N 86  
GLN CA  CB   sing N N 87  
GLN CA  HA   sing N N 88  
GLN C   O    doub N N 89  
GLN C   OXT  sing N N 90  
GLN CB  CG   sing N N 91  
GLN CB  HB2  sing N N 92  
GLN CB  HB3  sing N N 93  
GLN CG  CD   sing N N 94  
GLN CG  HG2  sing N N 95  
GLN CG  HG3  sing N N 96  
GLN CD  OE1  doub N N 97  
GLN CD  NE2  sing N N 98  
GLN NE2 HE21 sing N N 99  
GLN NE2 HE22 sing N N 100 
GLN OXT HXT  sing N N 101 
GLU N   CA   sing N N 102 
GLU N   H    sing N N 103 
GLU N   H2   sing N N 104 
GLU CA  C    sing N N 105 
GLU CA  CB   sing N N 106 
GLU CA  HA   sing N N 107 
GLU C   O    doub N N 108 
GLU C   OXT  sing N N 109 
GLU CB  CG   sing N N 110 
GLU CB  HB2  sing N N 111 
GLU CB  HB3  sing N N 112 
GLU CG  CD   sing N N 113 
GLU CG  HG2  sing N N 114 
GLU CG  HG3  sing N N 115 
GLU CD  OE1  doub N N 116 
GLU CD  OE2  sing N N 117 
GLU OE2 HE2  sing N N 118 
GLU OXT HXT  sing N N 119 
GLY N   CA   sing N N 120 
GLY N   H    sing N N 121 
GLY N   H2   sing N N 122 
GLY CA  C    sing N N 123 
GLY CA  HA2  sing N N 124 
GLY CA  HA3  sing N N 125 
GLY C   O    doub N N 126 
GLY C   OXT  sing N N 127 
GLY OXT HXT  sing N N 128 
HIS N   CA   sing N N 129 
HIS N   H    sing N N 130 
HIS N   H2   sing N N 131 
HIS CA  C    sing N N 132 
HIS CA  CB   sing N N 133 
HIS CA  HA   sing N N 134 
HIS C   O    doub N N 135 
HIS C   OXT  sing N N 136 
HIS CB  CG   sing N N 137 
HIS CB  HB2  sing N N 138 
HIS CB  HB3  sing N N 139 
HIS CG  ND1  sing Y N 140 
HIS CG  CD2  doub Y N 141 
HIS ND1 CE1  doub Y N 142 
HIS ND1 HD1  sing N N 143 
HIS CD2 NE2  sing Y N 144 
HIS CD2 HD2  sing N N 145 
HIS CE1 NE2  sing Y N 146 
HIS CE1 HE1  sing N N 147 
HIS NE2 HE2  sing N N 148 
HIS OXT HXT  sing N N 149 
HOH O   H1   sing N N 150 
HOH O   H2   sing N N 151 
ILE N   CA   sing N N 152 
ILE N   H    sing N N 153 
ILE N   H2   sing N N 154 
ILE CA  C    sing N N 155 
ILE CA  CB   sing N N 156 
ILE CA  HA   sing N N 157 
ILE C   O    doub N N 158 
ILE C   OXT  sing N N 159 
ILE CB  CG1  sing N N 160 
ILE CB  CG2  sing N N 161 
ILE CB  HB   sing N N 162 
ILE CG1 CD1  sing N N 163 
ILE CG1 HG12 sing N N 164 
ILE CG1 HG13 sing N N 165 
ILE CG2 HG21 sing N N 166 
ILE CG2 HG22 sing N N 167 
ILE CG2 HG23 sing N N 168 
ILE CD1 HD11 sing N N 169 
ILE CD1 HD12 sing N N 170 
ILE CD1 HD13 sing N N 171 
ILE OXT HXT  sing N N 172 
LEU N   CA   sing N N 173 
LEU N   H    sing N N 174 
LEU N   H2   sing N N 175 
LEU CA  C    sing N N 176 
LEU CA  CB   sing N N 177 
LEU CA  HA   sing N N 178 
LEU C   O    doub N N 179 
LEU C   OXT  sing N N 180 
LEU CB  CG   sing N N 181 
LEU CB  HB2  sing N N 182 
LEU CB  HB3  sing N N 183 
LEU CG  CD1  sing N N 184 
LEU CG  CD2  sing N N 185 
LEU CG  HG   sing N N 186 
LEU CD1 HD11 sing N N 187 
LEU CD1 HD12 sing N N 188 
LEU CD1 HD13 sing N N 189 
LEU CD2 HD21 sing N N 190 
LEU CD2 HD22 sing N N 191 
LEU CD2 HD23 sing N N 192 
LEU OXT HXT  sing N N 193 
LYS N   CA   sing N N 194 
LYS N   H    sing N N 195 
LYS N   H2   sing N N 196 
LYS CA  C    sing N N 197 
LYS CA  CB   sing N N 198 
LYS CA  HA   sing N N 199 
LYS C   O    doub N N 200 
LYS C   OXT  sing N N 201 
LYS CB  CG   sing N N 202 
LYS CB  HB2  sing N N 203 
LYS CB  HB3  sing N N 204 
LYS CG  CD   sing N N 205 
LYS CG  HG2  sing N N 206 
LYS CG  HG3  sing N N 207 
LYS CD  CE   sing N N 208 
LYS CD  HD2  sing N N 209 
LYS CD  HD3  sing N N 210 
LYS CE  NZ   sing N N 211 
LYS CE  HE2  sing N N 212 
LYS CE  HE3  sing N N 213 
LYS NZ  HZ1  sing N N 214 
LYS NZ  HZ2  sing N N 215 
LYS NZ  HZ3  sing N N 216 
LYS OXT HXT  sing N N 217 
M3L N   CA   sing N N 218 
M3L N   H    sing N N 219 
M3L N   H2   sing N N 220 
M3L CA  CB   sing N N 221 
M3L CA  C    sing N N 222 
M3L CA  HA   sing N N 223 
M3L CB  CG   sing N N 224 
M3L CB  HB2  sing N N 225 
M3L CB  HB3  sing N N 226 
M3L CG  CD   sing N N 227 
M3L CG  HG2  sing N N 228 
M3L CG  HG3  sing N N 229 
M3L CD  CE   sing N N 230 
M3L CD  HD2  sing N N 231 
M3L CD  HD3  sing N N 232 
M3L CE  NZ   sing N N 233 
M3L CE  HE2  sing N N 234 
M3L CE  HE3  sing N N 235 
M3L NZ  CM1  sing N N 236 
M3L NZ  CM2  sing N N 237 
M3L NZ  CM3  sing N N 238 
M3L C   O    doub N N 239 
M3L C   OXT  sing N N 240 
M3L OXT HXT  sing N N 241 
M3L CM1 HM11 sing N N 242 
M3L CM1 HM12 sing N N 243 
M3L CM1 HM13 sing N N 244 
M3L CM2 HM21 sing N N 245 
M3L CM2 HM22 sing N N 246 
M3L CM2 HM23 sing N N 247 
M3L CM3 HM31 sing N N 248 
M3L CM3 HM32 sing N N 249 
M3L CM3 HM33 sing N N 250 
MET N   CA   sing N N 251 
MET N   H    sing N N 252 
MET N   H2   sing N N 253 
MET CA  C    sing N N 254 
MET CA  CB   sing N N 255 
MET CA  HA   sing N N 256 
MET C   O    doub N N 257 
MET C   OXT  sing N N 258 
MET CB  CG   sing N N 259 
MET CB  HB2  sing N N 260 
MET CB  HB3  sing N N 261 
MET CG  SD   sing N N 262 
MET CG  HG2  sing N N 263 
MET CG  HG3  sing N N 264 
MET SD  CE   sing N N 265 
MET CE  HE1  sing N N 266 
MET CE  HE2  sing N N 267 
MET CE  HE3  sing N N 268 
MET OXT HXT  sing N N 269 
PHE N   CA   sing N N 270 
PHE N   H    sing N N 271 
PHE N   H2   sing N N 272 
PHE CA  C    sing N N 273 
PHE CA  CB   sing N N 274 
PHE CA  HA   sing N N 275 
PHE C   O    doub N N 276 
PHE C   OXT  sing N N 277 
PHE CB  CG   sing N N 278 
PHE CB  HB2  sing N N 279 
PHE CB  HB3  sing N N 280 
PHE CG  CD1  doub Y N 281 
PHE CG  CD2  sing Y N 282 
PHE CD1 CE1  sing Y N 283 
PHE CD1 HD1  sing N N 284 
PHE CD2 CE2  doub Y N 285 
PHE CD2 HD2  sing N N 286 
PHE CE1 CZ   doub Y N 287 
PHE CE1 HE1  sing N N 288 
PHE CE2 CZ   sing Y N 289 
PHE CE2 HE2  sing N N 290 
PHE CZ  HZ   sing N N 291 
PHE OXT HXT  sing N N 292 
PRO N   CA   sing N N 293 
PRO N   CD   sing N N 294 
PRO N   H    sing N N 295 
PRO CA  C    sing N N 296 
PRO CA  CB   sing N N 297 
PRO CA  HA   sing N N 298 
PRO C   O    doub N N 299 
PRO C   OXT  sing N N 300 
PRO CB  CG   sing N N 301 
PRO CB  HB2  sing N N 302 
PRO CB  HB3  sing N N 303 
PRO CG  CD   sing N N 304 
PRO CG  HG2  sing N N 305 
PRO CG  HG3  sing N N 306 
PRO CD  HD2  sing N N 307 
PRO CD  HD3  sing N N 308 
PRO OXT HXT  sing N N 309 
SER N   CA   sing N N 310 
SER N   H    sing N N 311 
SER N   H2   sing N N 312 
SER CA  C    sing N N 313 
SER CA  CB   sing N N 314 
SER CA  HA   sing N N 315 
SER C   O    doub N N 316 
SER C   OXT  sing N N 317 
SER CB  OG   sing N N 318 
SER CB  HB2  sing N N 319 
SER CB  HB3  sing N N 320 
SER OG  HG   sing N N 321 
SER OXT HXT  sing N N 322 
THR N   CA   sing N N 323 
THR N   H    sing N N 324 
THR N   H2   sing N N 325 
THR CA  C    sing N N 326 
THR CA  CB   sing N N 327 
THR CA  HA   sing N N 328 
THR C   O    doub N N 329 
THR C   OXT  sing N N 330 
THR CB  OG1  sing N N 331 
THR CB  CG2  sing N N 332 
THR CB  HB   sing N N 333 
THR OG1 HG1  sing N N 334 
THR CG2 HG21 sing N N 335 
THR CG2 HG22 sing N N 336 
THR CG2 HG23 sing N N 337 
THR OXT HXT  sing N N 338 
TRP N   CA   sing N N 339 
TRP N   H    sing N N 340 
TRP N   H2   sing N N 341 
TRP CA  C    sing N N 342 
TRP CA  CB   sing N N 343 
TRP CA  HA   sing N N 344 
TRP C   O    doub N N 345 
TRP C   OXT  sing N N 346 
TRP CB  CG   sing N N 347 
TRP CB  HB2  sing N N 348 
TRP CB  HB3  sing N N 349 
TRP CG  CD1  doub Y N 350 
TRP CG  CD2  sing Y N 351 
TRP CD1 NE1  sing Y N 352 
TRP CD1 HD1  sing N N 353 
TRP CD2 CE2  doub Y N 354 
TRP CD2 CE3  sing Y N 355 
TRP NE1 CE2  sing Y N 356 
TRP NE1 HE1  sing N N 357 
TRP CE2 CZ2  sing Y N 358 
TRP CE3 CZ3  doub Y N 359 
TRP CE3 HE3  sing N N 360 
TRP CZ2 CH2  doub Y N 361 
TRP CZ2 HZ2  sing N N 362 
TRP CZ3 CH2  sing Y N 363 
TRP CZ3 HZ3  sing N N 364 
TRP CH2 HH2  sing N N 365 
TRP OXT HXT  sing N N 366 
TYR N   CA   sing N N 367 
TYR N   H    sing N N 368 
TYR N   H2   sing N N 369 
TYR CA  C    sing N N 370 
TYR CA  CB   sing N N 371 
TYR CA  HA   sing N N 372 
TYR C   O    doub N N 373 
TYR C   OXT  sing N N 374 
TYR CB  CG   sing N N 375 
TYR CB  HB2  sing N N 376 
TYR CB  HB3  sing N N 377 
TYR CG  CD1  doub Y N 378 
TYR CG  CD2  sing Y N 379 
TYR CD1 CE1  sing Y N 380 
TYR CD1 HD1  sing N N 381 
TYR CD2 CE2  doub Y N 382 
TYR CD2 HD2  sing N N 383 
TYR CE1 CZ   doub Y N 384 
TYR CE1 HE1  sing N N 385 
TYR CE2 CZ   sing Y N 386 
TYR CE2 HE2  sing N N 387 
TYR CZ  OH   sing N N 388 
TYR OH  HH   sing N N 389 
TYR OXT HXT  sing N N 390 
VAL N   CA   sing N N 391 
VAL N   H    sing N N 392 
VAL N   H2   sing N N 393 
VAL CA  C    sing N N 394 
VAL CA  CB   sing N N 395 
VAL CA  HA   sing N N 396 
VAL C   O    doub N N 397 
VAL C   OXT  sing N N 398 
VAL CB  CG1  sing N N 399 
VAL CB  CG2  sing N N 400 
VAL CB  HB   sing N N 401 
VAL CG1 HG11 sing N N 402 
VAL CG1 HG12 sing N N 403 
VAL CG1 HG13 sing N N 404 
VAL CG2 HG21 sing N N 405 
VAL CG2 HG22 sing N N 406 
VAL CG2 HG23 sing N N 407 
VAL OXT HXT  sing N N 408 
# 
loop_
_pdbx_entity_nonpoly.entity_id 
_pdbx_entity_nonpoly.name 
_pdbx_entity_nonpoly.comp_id 
3 'ZINC ION' ZN  
4 water      HOH 
# 
_pdbx_initial_refinement_model.id               1 
_pdbx_initial_refinement_model.entity_id_list   ? 
_pdbx_initial_refinement_model.type             'experimental model' 
_pdbx_initial_refinement_model.source_name      PDB 
_pdbx_initial_refinement_model.accession_code   1WES 
_pdbx_initial_refinement_model.details          'pdb entry 1WES' 
# 
